data_4CLH
#
_entry.id   4CLH
#
_cell.length_a   74.680
_cell.length_b   89.670
_cell.length_c   82.820
_cell.angle_alpha   90.00
_cell.angle_beta   115.79
_cell.angle_gamma   90.00
#
_symmetry.space_group_name_H-M   'P 1 21 1'
#
loop_
_entity.id
_entity.type
_entity.pdbx_description
1 polymer 'PTERIDINE REDUCTASE 1'
2 non-polymer 'NADP NICOTINAMIDE-ADENINE-DINUCLEOTIDE PHOSPHATE'
3 non-polymer 4-thiomorpholino-7H-pyrrolo[2,3-d]pyrimidin-2-amine
4 non-polymer 'ACETATE ION'
5 water water
#
_entity_poly.entity_id   1
_entity_poly.type   'polypeptide(L)'
_entity_poly.pdbx_seq_one_letter_code
;MGSSHHHHHHSSGLVPRGSHMEAPAAVVTGAAKRIGRAIAVKLHQTGYRVVIHYHNSAEAAVSLADELNKERSNTAVVCQ
ADLTNSNVLPASCEEIINSCFRAFGRCDVLVNNASAFYPTPLVQGDHEDNSNGKTVETQVAELIGTNAIAPFLLTMSFAQ
RQKGTNPNCTSSNLSIVNLCDAMVDQPCMAFSLYNMGKHALVGLTQSAALELAPYGIRVNGVAPGVSLLPVAMGEEEKDK
WRRKVPLGRREASAEQIADAVIFLVSGSAQYITGSIIKVDGGLSLVHA
;
_entity_poly.pdbx_strand_id   A,B,C,D
#
loop_
_chem_comp.id
_chem_comp.type
_chem_comp.name
_chem_comp.formula
ACT non-polymer 'ACETATE ION' 'C2 H3 O2 -1'
NAP non-polymer 'NADP NICOTINAMIDE-ADENINE-DINUCLEOTIDE PHOSPHATE' 'C21 H28 N7 O17 P3'
W8G non-polymer 4-thiomorpholino-7H-pyrrolo[2,3-d]pyrimidin-2-amine 'C10 H13 N5 S'
#
# COMPACT_ATOMS: atom_id res chain seq x y z
N GLU A 22 -8.78 -38.84 -12.24
CA GLU A 22 -9.96 -37.96 -12.51
C GLU A 22 -9.53 -36.49 -12.63
N ALA A 23 -10.11 -35.79 -13.58
CA ALA A 23 -9.71 -34.43 -13.90
C ALA A 23 -10.33 -33.47 -12.85
N PRO A 24 -9.56 -32.48 -12.40
CA PRO A 24 -10.19 -31.44 -11.58
C PRO A 24 -11.24 -30.59 -12.31
N ALA A 25 -12.04 -29.87 -11.52
CA ALA A 25 -13.09 -29.07 -12.08
C ALA A 25 -13.02 -27.63 -11.56
N ALA A 26 -13.41 -26.72 -12.44
CA ALA A 26 -13.38 -25.30 -12.16
C ALA A 26 -14.69 -24.57 -12.54
N VAL A 27 -15.07 -23.60 -11.70
CA VAL A 27 -16.13 -22.65 -12.02
C VAL A 27 -15.46 -21.34 -12.39
N VAL A 28 -15.86 -20.82 -13.56
CA VAL A 28 -15.44 -19.50 -13.99
C VAL A 28 -16.70 -18.67 -14.19
N THR A 29 -16.82 -17.58 -13.42
CA THR A 29 -17.96 -16.67 -13.58
C THR A 29 -17.75 -15.69 -14.75
N GLY A 30 -18.84 -15.34 -15.40
CA GLY A 30 -18.80 -14.48 -16.61
C GLY A 30 -17.84 -15.00 -17.66
N ALA A 31 -17.93 -16.30 -17.95
CA ALA A 31 -16.92 -16.99 -18.78
C ALA A 31 -17.28 -17.15 -20.26
N ALA A 32 -18.36 -16.51 -20.72
CA ALA A 32 -18.87 -16.74 -22.09
C ALA A 32 -17.99 -16.06 -23.13
N LYS A 33 -17.29 -15.01 -22.72
CA LYS A 33 -16.44 -14.29 -23.65
C LYS A 33 -15.31 -13.53 -22.97
N ARG A 34 -14.49 -12.89 -23.80
CA ARG A 34 -13.45 -11.97 -23.37
C ARG A 34 -12.51 -12.65 -22.34
N ILE A 35 -12.24 -12.00 -21.22
CA ILE A 35 -11.24 -12.52 -20.27
C ILE A 35 -11.72 -13.82 -19.62
N GLY A 36 -13.00 -13.88 -19.24
CA GLY A 36 -13.51 -15.08 -18.57
C GLY A 36 -13.41 -16.33 -19.44
N ARG A 37 -13.69 -16.17 -20.72
CA ARG A 37 -13.52 -17.24 -21.71
C ARG A 37 -12.12 -17.69 -21.80
N ALA A 38 -11.21 -16.71 -21.91
CA ALA A 38 -9.78 -17.02 -22.04
C ALA A 38 -9.34 -17.85 -20.86
N ILE A 39 -9.84 -17.48 -19.69
CA ILE A 39 -9.53 -18.24 -18.47
C ILE A 39 -10.08 -19.68 -18.53
N ALA A 40 -11.33 -19.82 -18.94
CA ALA A 40 -11.95 -21.15 -18.99
C ALA A 40 -11.25 -22.01 -20.01
N VAL A 41 -10.88 -21.41 -21.13
CA VAL A 41 -10.19 -22.11 -22.20
C VAL A 41 -8.82 -22.60 -21.73
N LYS A 42 -8.06 -21.70 -21.11
CA LYS A 42 -6.77 -22.10 -20.59
C LYS A 42 -6.90 -23.18 -19.50
N LEU A 43 -7.87 -23.05 -18.62
CA LEU A 43 -8.06 -24.08 -17.62
C LEU A 43 -8.37 -25.43 -18.28
N HIS A 44 -9.27 -25.40 -19.25
CA HIS A 44 -9.67 -26.59 -19.98
C HIS A 44 -8.44 -27.24 -20.67
N GLN A 45 -7.64 -26.44 -21.37
CA GLN A 45 -6.39 -26.92 -21.99
C GLN A 45 -5.37 -27.53 -21.02
N THR A 46 -5.36 -27.09 -19.77
CA THR A 46 -4.51 -27.60 -18.71
C THR A 46 -5.09 -28.89 -18.13
N GLY A 47 -6.29 -29.26 -18.55
CA GLY A 47 -6.94 -30.50 -18.11
C GLY A 47 -8.15 -30.40 -17.20
N TYR A 48 -8.63 -29.17 -16.96
CA TYR A 48 -9.82 -28.98 -16.12
C TYR A 48 -11.11 -29.20 -16.89
N ARG A 49 -12.07 -29.75 -16.19
CA ARG A 49 -13.45 -29.64 -16.60
C ARG A 49 -13.97 -28.29 -16.07
N VAL A 50 -14.84 -27.65 -16.84
CA VAL A 50 -15.23 -26.27 -16.54
C VAL A 50 -16.73 -26.01 -16.54
N VAL A 51 -17.17 -25.18 -15.60
CA VAL A 51 -18.50 -24.65 -15.60
C VAL A 51 -18.34 -23.24 -16.12
N ILE A 52 -18.99 -22.99 -17.25
CA ILE A 52 -19.04 -21.69 -17.90
C ILE A 52 -20.27 -20.90 -17.38
N HIS A 53 -20.07 -20.01 -16.41
CA HIS A 53 -21.19 -19.19 -15.96
C HIS A 53 -21.37 -18.00 -16.90
N TYR A 54 -22.62 -17.60 -17.07
CA TYR A 54 -22.99 -16.49 -17.89
C TYR A 54 -24.26 -15.92 -17.30
N HIS A 55 -24.58 -14.72 -17.75
CA HIS A 55 -25.79 -14.04 -17.35
C HIS A 55 -26.66 -13.84 -18.59
N ASN A 56 -26.27 -12.93 -19.47
CA ASN A 56 -27.03 -12.65 -20.67
C ASN A 56 -26.45 -13.33 -21.90
N SER A 57 -25.17 -13.69 -21.92
CA SER A 57 -24.57 -14.13 -23.21
C SER A 57 -24.72 -15.64 -23.39
N ALA A 58 -25.96 -16.08 -23.54
CA ALA A 58 -26.31 -17.51 -23.60
C ALA A 58 -25.71 -18.22 -24.80
N GLU A 59 -25.80 -17.54 -25.94
CA GLU A 59 -25.33 -18.03 -27.21
C GLU A 59 -23.81 -18.21 -27.18
N ALA A 60 -23.09 -17.16 -26.77
CA ALA A 60 -21.62 -17.25 -26.68
C ALA A 60 -21.22 -18.37 -25.71
N ALA A 61 -21.96 -18.53 -24.63
CA ALA A 61 -21.63 -19.51 -23.61
C ALA A 61 -21.80 -20.93 -24.13
N VAL A 62 -22.92 -21.15 -24.81
CA VAL A 62 -23.23 -22.47 -25.36
C VAL A 62 -22.23 -22.79 -26.47
N SER A 63 -21.88 -21.80 -27.28
CA SER A 63 -20.90 -21.97 -28.32
C SER A 63 -19.50 -22.34 -27.77
N LEU A 64 -19.10 -21.73 -26.64
CA LEU A 64 -17.86 -22.10 -25.97
C LEU A 64 -17.95 -23.53 -25.45
N ALA A 65 -19.03 -23.88 -24.76
CA ALA A 65 -19.11 -25.22 -24.20
C ALA A 65 -19.01 -26.22 -25.34
N ASP A 66 -19.67 -25.91 -26.47
CA ASP A 66 -19.65 -26.77 -27.67
C ASP A 66 -18.21 -27.09 -28.08
N GLU A 67 -17.40 -26.05 -28.31
CA GLU A 67 -16.00 -26.21 -28.68
C GLU A 67 -15.20 -27.08 -27.71
N LEU A 68 -15.34 -26.82 -26.42
CA LEU A 68 -14.58 -27.57 -25.40
C LEU A 68 -15.00 -29.02 -25.33
N ASN A 69 -16.30 -29.25 -25.41
CA ASN A 69 -16.80 -30.63 -25.41
C ASN A 69 -16.36 -31.43 -26.68
N LYS A 70 -16.23 -30.71 -27.78
CA LYS A 70 -15.73 -31.22 -29.04
C LYS A 70 -14.28 -31.63 -28.91
N GLU A 71 -13.54 -30.92 -28.07
CA GLU A 71 -12.16 -31.27 -27.77
C GLU A 71 -12.09 -32.46 -26.77
N ARG A 72 -12.88 -32.43 -25.70
CA ARG A 72 -12.98 -33.58 -24.80
C ARG A 72 -14.43 -33.68 -24.32
N SER A 73 -15.06 -34.80 -24.63
CA SER A 73 -16.47 -35.03 -24.29
C SER A 73 -16.75 -34.93 -22.81
N ASN A 74 -17.89 -34.32 -22.49
CA ASN A 74 -18.36 -34.19 -21.11
C ASN A 74 -17.38 -33.41 -20.25
N THR A 75 -16.79 -32.35 -20.81
CA THR A 75 -15.85 -31.50 -20.01
C THR A 75 -16.24 -30.03 -19.81
N ALA A 76 -17.41 -29.65 -20.29
CA ALA A 76 -17.86 -28.27 -20.10
C ALA A 76 -19.35 -28.27 -19.95
N VAL A 77 -19.83 -27.48 -19.00
CA VAL A 77 -21.27 -27.20 -18.92
C VAL A 77 -21.49 -25.71 -18.71
N VAL A 78 -22.66 -25.21 -19.10
CA VAL A 78 -23.02 -23.82 -18.83
C VAL A 78 -23.95 -23.68 -17.62
N CYS A 79 -23.97 -22.49 -17.03
CA CYS A 79 -24.75 -22.26 -15.81
C CYS A 79 -25.13 -20.79 -15.79
N GLN A 80 -26.42 -20.51 -15.89
CA GLN A 80 -26.94 -19.16 -15.92
C GLN A 80 -27.23 -18.66 -14.52
N ALA A 81 -26.81 -17.43 -14.24
CA ALA A 81 -27.18 -16.76 -12.99
C ALA A 81 -26.92 -15.24 -13.06
N ASP A 82 -27.89 -14.49 -12.54
CA ASP A 82 -27.73 -13.09 -12.22
C ASP A 82 -26.96 -13.00 -10.90
N LEU A 83 -25.88 -12.24 -10.91
CA LEU A 83 -25.08 -12.05 -9.70
C LEU A 83 -25.28 -10.65 -9.08
N THR A 84 -26.36 -9.97 -9.45
CA THR A 84 -26.79 -8.74 -8.79
C THR A 84 -27.16 -9.10 -7.35
N ASN A 85 -26.90 -8.20 -6.40
CA ASN A 85 -27.21 -8.56 -5.01
C ASN A 85 -28.75 -8.57 -4.85
N SER A 86 -29.28 -9.56 -4.13
CA SER A 86 -30.70 -9.62 -3.73
C SER A 86 -30.77 -10.65 -2.60
N ASN A 87 -31.93 -10.80 -1.99
CA ASN A 87 -32.09 -11.84 -0.96
C ASN A 87 -31.98 -13.30 -1.45
N VAL A 88 -32.04 -13.51 -2.76
CA VAL A 88 -31.82 -14.87 -3.30
CA VAL A 88 -31.85 -14.84 -3.40
C VAL A 88 -30.41 -15.06 -3.89
N LEU A 89 -29.57 -14.02 -3.85
CA LEU A 89 -28.19 -14.17 -4.34
C LEU A 89 -27.51 -15.34 -3.66
N PRO A 90 -27.65 -15.51 -2.32
CA PRO A 90 -26.96 -16.68 -1.74
C PRO A 90 -27.38 -18.02 -2.34
N ALA A 91 -28.68 -18.20 -2.57
CA ALA A 91 -29.18 -19.41 -3.27
C ALA A 91 -28.60 -19.53 -4.66
N SER A 92 -28.54 -18.44 -5.38
CA SER A 92 -27.97 -18.48 -6.73
C SER A 92 -26.51 -18.88 -6.71
N CYS A 93 -25.74 -18.42 -5.71
CA CYS A 93 -24.33 -18.74 -5.66
C CYS A 93 -24.11 -20.19 -5.23
N GLU A 94 -24.89 -20.62 -4.24
CA GLU A 94 -24.89 -22.03 -3.85
C GLU A 94 -25.19 -22.93 -5.05
N GLU A 95 -26.14 -22.53 -5.90
CA GLU A 95 -26.50 -23.33 -7.07
C GLU A 95 -25.38 -23.38 -8.12
N ILE A 96 -24.63 -22.29 -8.30
CA ILE A 96 -23.44 -22.31 -9.16
C ILE A 96 -22.42 -23.36 -8.69
N ILE A 97 -22.09 -23.34 -7.41
CA ILE A 97 -21.18 -24.37 -6.91
C ILE A 97 -21.82 -25.77 -7.09
N ASN A 98 -23.11 -25.90 -6.75
CA ASN A 98 -23.79 -27.19 -6.86
C ASN A 98 -23.77 -27.74 -8.27
N SER A 99 -23.86 -26.85 -9.27
CA SER A 99 -23.82 -27.27 -10.67
C SER A 99 -22.47 -27.91 -11.07
N CYS A 100 -21.39 -27.46 -10.45
CA CYS A 100 -20.09 -28.03 -10.72
C CYS A 100 -20.05 -29.44 -10.13
N PHE A 101 -20.50 -29.60 -8.89
CA PHE A 101 -20.60 -30.94 -8.28
C PHE A 101 -21.56 -31.89 -9.06
N ARG A 102 -22.68 -31.35 -9.53
CA ARG A 102 -23.66 -32.15 -10.28
C ARG A 102 -23.04 -32.67 -11.58
N ALA A 103 -22.31 -31.82 -12.28
CA ALA A 103 -21.76 -32.21 -13.56
C ALA A 103 -20.50 -33.05 -13.40
N PHE A 104 -19.68 -32.75 -12.41
CA PHE A 104 -18.30 -33.27 -12.40
C PHE A 104 -17.88 -33.94 -11.12
N GLY A 105 -18.74 -33.92 -10.13
CA GLY A 105 -18.48 -34.65 -8.88
C GLY A 105 -17.47 -33.98 -7.98
N ARG A 106 -17.00 -32.80 -8.38
CA ARG A 106 -16.05 -32.05 -7.52
C ARG A 106 -15.97 -30.60 -7.95
N CYS A 107 -15.29 -29.81 -7.12
CA CYS A 107 -15.06 -28.41 -7.47
C CYS A 107 -13.75 -27.94 -6.82
N ASP A 108 -12.72 -27.84 -7.67
CA ASP A 108 -11.35 -27.59 -7.20
C ASP A 108 -10.97 -26.11 -7.21
N VAL A 109 -11.53 -25.37 -8.17
CA VAL A 109 -11.14 -24.02 -8.48
C VAL A 109 -12.38 -23.15 -8.73
N LEU A 110 -12.35 -21.96 -8.14
CA LEU A 110 -13.34 -20.93 -8.38
C LEU A 110 -12.63 -19.68 -8.92
N VAL A 111 -13.05 -19.19 -10.06
CA VAL A 111 -12.56 -17.92 -10.59
C VAL A 111 -13.72 -16.93 -10.59
N ASN A 112 -13.58 -15.88 -9.75
CA ASN A 112 -14.53 -14.77 -9.68
C ASN A 112 -14.18 -13.64 -10.64
N ASN A 113 -14.76 -13.75 -11.82
CA ASN A 113 -14.46 -12.90 -12.95
C ASN A 113 -15.62 -11.97 -13.37
N ALA A 114 -16.86 -12.45 -13.22
CA ALA A 114 -18.00 -11.64 -13.61
C ALA A 114 -18.03 -10.35 -12.85
N SER A 115 -18.38 -9.29 -13.59
CA SER A 115 -18.32 -7.95 -13.06
C SER A 115 -19.16 -6.96 -13.86
N ALA A 116 -20.02 -6.23 -13.17
CA ALA A 116 -20.65 -5.04 -13.75
C ALA A 116 -19.72 -3.84 -13.68
N PHE A 117 -19.88 -2.93 -14.63
CA PHE A 117 -18.93 -1.89 -14.83
C PHE A 117 -19.62 -0.76 -15.58
N TYR A 118 -19.71 0.41 -14.96
CA TYR A 118 -20.27 1.62 -15.58
C TYR A 118 -20.12 2.75 -14.54
N PRO A 119 -20.15 4.04 -15.00
CA PRO A 119 -19.98 5.15 -14.05
C PRO A 119 -21.18 5.36 -13.14
N THR A 120 -20.92 5.95 -11.98
CA THR A 120 -21.93 6.34 -11.03
C THR A 120 -21.48 7.66 -10.42
N PRO A 121 -21.58 8.76 -11.21
CA PRO A 121 -21.16 10.07 -10.72
C PRO A 121 -21.79 10.48 -9.38
N LEU A 122 -20.96 11.07 -8.51
CA LEU A 122 -21.40 11.55 -7.21
C LEU A 122 -22.30 12.81 -7.30
N VAL A 123 -22.08 13.65 -8.32
CA VAL A 123 -22.94 14.83 -8.57
C VAL A 123 -23.67 14.71 -9.92
N GLN A 124 -24.97 15.02 -9.94
CA GLN A 124 -25.84 14.88 -11.14
C GLN A 124 -25.88 16.17 -11.94
N GLY A 133 -32.64 6.08 -16.33
CA GLY A 133 -31.71 4.98 -16.08
C GLY A 133 -32.02 4.24 -14.78
N LYS A 134 -30.99 3.65 -14.21
CA LYS A 134 -31.13 2.78 -13.07
C LYS A 134 -31.27 3.61 -11.82
N THR A 135 -31.99 3.10 -10.83
CA THR A 135 -31.96 3.72 -9.51
C THR A 135 -30.58 3.46 -8.91
N VAL A 136 -30.21 4.29 -7.96
CA VAL A 136 -28.94 4.12 -7.27
C VAL A 136 -28.91 2.80 -6.51
N GLU A 137 -30.04 2.37 -5.97
CA GLU A 137 -30.04 1.09 -5.28
C GLU A 137 -29.82 -0.09 -6.24
N THR A 138 -30.26 0.04 -7.49
CA THR A 138 -29.98 -0.99 -8.51
C THR A 138 -28.50 -0.95 -8.83
N GLN A 139 -27.95 0.27 -8.95
CA GLN A 139 -26.53 0.42 -9.25
C GLN A 139 -25.67 -0.18 -8.13
N VAL A 140 -26.03 0.09 -6.89
CA VAL A 140 -25.37 -0.56 -5.75
C VAL A 140 -25.47 -2.08 -5.85
N ALA A 141 -26.67 -2.58 -6.09
CA ALA A 141 -26.88 -4.01 -6.15
C ALA A 141 -26.06 -4.66 -7.28
N GLU A 142 -25.98 -4.01 -8.43
CA GLU A 142 -25.29 -4.62 -9.56
C GLU A 142 -23.77 -4.48 -9.38
N LEU A 143 -23.30 -3.27 -9.09
CA LEU A 143 -21.86 -3.04 -9.00
C LEU A 143 -21.24 -3.67 -7.77
N ILE A 144 -21.87 -3.56 -6.62
CA ILE A 144 -21.31 -4.15 -5.41
C ILE A 144 -21.64 -5.67 -5.35
N GLY A 145 -22.81 -6.05 -5.86
CA GLY A 145 -23.17 -7.48 -5.95
C GLY A 145 -22.17 -8.31 -6.75
N THR A 146 -21.95 -7.90 -8.00
CA THR A 146 -21.12 -8.69 -8.88
C THR A 146 -19.68 -8.69 -8.47
N ASN A 147 -19.20 -7.54 -8.03
CA ASN A 147 -17.78 -7.37 -7.84
C ASN A 147 -17.33 -7.81 -6.46
N ALA A 148 -18.26 -7.99 -5.54
CA ALA A 148 -17.90 -8.23 -4.14
C ALA A 148 -18.78 -9.20 -3.44
N ILE A 149 -20.10 -9.00 -3.50
CA ILE A 149 -20.96 -9.84 -2.65
C ILE A 149 -21.06 -11.24 -3.24
N ALA A 150 -21.27 -11.35 -4.53
CA ALA A 150 -21.32 -12.69 -5.12
C ALA A 150 -20.01 -13.45 -4.89
N PRO A 151 -18.84 -12.79 -5.10
CA PRO A 151 -17.60 -13.48 -4.75
C PRO A 151 -17.57 -14.03 -3.32
N PHE A 152 -18.10 -13.27 -2.36
CA PHE A 152 -18.15 -13.66 -0.96
C PHE A 152 -19.03 -14.91 -0.79
N LEU A 153 -20.21 -14.88 -1.42
CA LEU A 153 -21.20 -15.96 -1.31
C LEU A 153 -20.69 -17.18 -2.04
N LEU A 154 -20.12 -16.96 -3.24
CA LEU A 154 -19.50 -18.10 -3.95
C LEU A 154 -18.39 -18.75 -3.14
N THR A 155 -17.59 -17.94 -2.44
CA THR A 155 -16.46 -18.42 -1.65
C THR A 155 -17.01 -19.26 -0.46
N MET A 156 -18.01 -18.74 0.22
CA MET A 156 -18.69 -19.46 1.31
C MET A 156 -19.16 -20.83 0.83
N SER A 157 -19.89 -20.85 -0.28
CA SER A 157 -20.46 -22.12 -0.77
C SER A 157 -19.34 -23.05 -1.20
N PHE A 158 -18.32 -22.51 -1.90
CA PHE A 158 -17.18 -23.29 -2.36
C PHE A 158 -16.50 -23.96 -1.17
N ALA A 159 -16.24 -23.22 -0.12
CA ALA A 159 -15.59 -23.82 1.09
C ALA A 159 -16.50 -24.83 1.80
N GLN A 160 -17.76 -24.46 1.93
CA GLN A 160 -18.75 -25.29 2.62
C GLN A 160 -18.87 -26.64 1.92
N ARG A 161 -18.81 -26.67 0.60
CA ARG A 161 -19.00 -27.93 -0.14
C ARG A 161 -17.79 -28.87 -0.16
N GLN A 162 -16.63 -28.45 0.35
CA GLN A 162 -15.46 -29.32 0.24
C GLN A 162 -15.54 -30.49 1.25
N LYS A 163 -14.81 -31.57 0.96
CA LYS A 163 -14.55 -32.65 1.93
C LYS A 163 -13.95 -32.09 3.22
N SER A 171 -4.17 -34.96 -2.11
CA SER A 171 -3.42 -34.30 -3.17
C SER A 171 -4.29 -33.28 -3.95
N SER A 172 -5.36 -32.82 -3.31
CA SER A 172 -6.17 -31.72 -3.84
C SER A 172 -5.32 -30.47 -4.00
N ASN A 173 -5.60 -29.66 -5.00
CA ASN A 173 -5.06 -28.29 -5.02
C ASN A 173 -6.20 -27.28 -5.17
N LEU A 174 -6.81 -26.96 -4.05
CA LEU A 174 -8.01 -26.14 -4.02
C LEU A 174 -7.65 -24.66 -4.01
N SER A 175 -8.22 -23.86 -4.92
CA SER A 175 -8.00 -22.42 -4.83
C SER A 175 -9.08 -21.57 -5.48
N ILE A 176 -9.09 -20.31 -5.04
CA ILE A 176 -9.96 -19.27 -5.56
C ILE A 176 -9.06 -18.17 -6.16
N VAL A 177 -9.46 -17.64 -7.31
CA VAL A 177 -8.78 -16.50 -7.90
C VAL A 177 -9.83 -15.40 -8.19
N ASN A 178 -9.59 -14.20 -7.65
CA ASN A 178 -10.48 -13.08 -7.84
C ASN A 178 -9.89 -12.10 -8.85
N LEU A 179 -10.70 -11.71 -9.84
CA LEU A 179 -10.27 -10.74 -10.82
C LEU A 179 -10.48 -9.34 -10.25
N CYS A 180 -9.37 -8.69 -9.95
CA CYS A 180 -9.36 -7.42 -9.22
C CYS A 180 -9.12 -6.31 -10.25
N ASP A 181 -8.42 -5.24 -9.88
CA ASP A 181 -8.17 -4.11 -10.80
C ASP A 181 -6.93 -3.40 -10.32
N ALA A 182 -5.89 -3.34 -11.17
CA ALA A 182 -4.64 -2.74 -10.76
C ALA A 182 -4.74 -1.23 -10.48
N MET A 183 -5.78 -0.59 -11.03
CA MET A 183 -5.95 0.85 -10.83
CA MET A 183 -6.02 0.85 -10.87
C MET A 183 -6.81 1.19 -9.60
N VAL A 184 -6.95 0.25 -8.69
CA VAL A 184 -7.87 0.46 -7.62
C VAL A 184 -7.50 1.64 -6.69
N ASP A 185 -6.22 1.98 -6.60
CA ASP A 185 -5.81 3.13 -5.81
C ASP A 185 -5.45 4.35 -6.63
N GLN A 186 -5.77 4.30 -7.92
CA GLN A 186 -5.75 5.49 -8.76
C GLN A 186 -7.03 5.45 -9.60
N PRO A 187 -8.17 5.63 -8.93
CA PRO A 187 -9.45 5.33 -9.56
C PRO A 187 -9.82 6.32 -10.64
N CYS A 188 -10.61 5.82 -11.58
CA CYS A 188 -11.14 6.65 -12.63
C CYS A 188 -12.28 7.50 -12.12
N MET A 189 -12.34 8.68 -12.68
CA MET A 189 -13.32 9.66 -12.35
C MET A 189 -14.74 9.13 -12.53
N ALA A 190 -15.58 9.33 -11.51
CA ALA A 190 -17.02 8.98 -11.56
C ALA A 190 -17.31 7.48 -11.48
N PHE A 191 -16.33 6.66 -11.03
CA PHE A 191 -16.53 5.20 -10.86
C PHE A 191 -16.53 4.74 -9.40
N SER A 192 -17.05 5.58 -8.51
CA SER A 192 -17.07 5.30 -7.07
C SER A 192 -17.54 3.90 -6.74
N LEU A 193 -18.78 3.54 -7.13
CA LEU A 193 -19.30 2.22 -6.71
C LEU A 193 -18.52 1.03 -7.26
N TYR A 194 -18.17 1.11 -8.53
CA TYR A 194 -17.30 0.09 -9.08
C TYR A 194 -15.99 -0.03 -8.28
N ASN A 195 -15.37 1.10 -7.97
CA ASN A 195 -14.09 1.06 -7.24
C ASN A 195 -14.26 0.52 -5.81
N MET A 196 -15.36 0.90 -5.19
CA MET A 196 -15.71 0.39 -3.88
C MET A 196 -15.84 -1.13 -3.95
N GLY A 197 -16.46 -1.59 -5.01
CA GLY A 197 -16.64 -3.02 -5.24
C GLY A 197 -15.33 -3.76 -5.40
N LYS A 198 -14.44 -3.23 -6.23
CA LYS A 198 -13.10 -3.83 -6.37
C LYS A 198 -12.24 -3.75 -5.11
N HIS A 199 -12.38 -2.68 -4.36
CA HIS A 199 -11.69 -2.59 -3.08
C HIS A 199 -12.20 -3.63 -2.11
N ALA A 200 -13.52 -3.77 -2.04
CA ALA A 200 -14.12 -4.81 -1.18
C ALA A 200 -13.60 -6.21 -1.53
N LEU A 201 -13.39 -6.43 -2.83
CA LEU A 201 -12.92 -7.71 -3.35
C LEU A 201 -11.47 -7.97 -2.93
N VAL A 202 -10.65 -6.91 -2.89
CA VAL A 202 -9.31 -7.04 -2.29
C VAL A 202 -9.40 -7.51 -0.84
N GLY A 203 -10.28 -6.87 -0.07
CA GLY A 203 -10.52 -7.26 1.33
C GLY A 203 -10.97 -8.70 1.48
N LEU A 204 -11.89 -9.14 0.63
CA LEU A 204 -12.36 -10.52 0.62
C LEU A 204 -11.17 -11.44 0.33
N THR A 205 -10.42 -11.09 -0.70
CA THR A 205 -9.28 -11.95 -1.09
C THR A 205 -8.39 -12.21 0.12
N GLN A 206 -8.11 -11.13 0.86
CA GLN A 206 -7.24 -11.19 1.99
C GLN A 206 -7.85 -11.90 3.19
N SER A 207 -9.08 -11.52 3.55
CA SER A 207 -9.82 -12.15 4.62
C SER A 207 -10.03 -13.63 4.37
N ALA A 208 -10.43 -14.01 3.15
CA ALA A 208 -10.70 -15.43 2.85
C ALA A 208 -9.43 -16.26 2.79
N ALA A 209 -8.35 -15.65 2.36
CA ALA A 209 -7.04 -16.32 2.36
C ALA A 209 -6.69 -16.78 3.78
N LEU A 210 -6.86 -15.86 4.72
CA LEU A 210 -6.61 -16.17 6.13
CA LEU A 210 -6.62 -16.12 6.14
C LEU A 210 -7.59 -17.18 6.68
N GLU A 211 -8.87 -17.01 6.42
CA GLU A 211 -9.85 -17.90 7.07
C GLU A 211 -9.92 -19.30 6.46
N LEU A 212 -9.58 -19.42 5.17
CA LEU A 212 -9.64 -20.72 4.50
C LEU A 212 -8.31 -21.44 4.43
N ALA A 213 -7.25 -20.75 4.81
CA ALA A 213 -5.93 -21.34 4.89
C ALA A 213 -5.96 -22.66 5.69
N PRO A 214 -6.64 -22.71 6.84
CA PRO A 214 -6.74 -24.03 7.54
C PRO A 214 -7.32 -25.22 6.74
N TYR A 215 -8.09 -24.97 5.68
CA TYR A 215 -8.69 -26.02 4.85
C TYR A 215 -7.90 -26.29 3.59
N GLY A 216 -6.73 -25.65 3.46
CA GLY A 216 -5.88 -25.86 2.32
C GLY A 216 -6.44 -25.15 1.10
N ILE A 217 -7.34 -24.20 1.31
CA ILE A 217 -7.89 -23.44 0.18
C ILE A 217 -7.12 -22.13 0.08
N ARG A 218 -6.42 -21.90 -1.04
CA ARG A 218 -5.67 -20.67 -1.25
C ARG A 218 -6.63 -19.70 -1.98
N VAL A 219 -6.50 -18.42 -1.67
CA VAL A 219 -7.27 -17.37 -2.27
C VAL A 219 -6.35 -16.26 -2.72
N ASN A 220 -6.41 -15.95 -4.03
CA ASN A 220 -5.46 -15.00 -4.57
C ASN A 220 -6.19 -14.18 -5.61
N GLY A 221 -5.54 -13.15 -6.10
CA GLY A 221 -6.14 -12.31 -7.15
C GLY A 221 -5.22 -11.99 -8.27
N VAL A 222 -5.85 -11.60 -9.38
CA VAL A 222 -5.15 -11.13 -10.55
C VAL A 222 -5.76 -9.77 -10.86
N ALA A 223 -4.89 -8.76 -11.07
CA ALA A 223 -5.33 -7.40 -11.20
C ALA A 223 -4.89 -6.86 -12.57
N PRO A 224 -5.79 -6.90 -13.55
CA PRO A 224 -5.48 -6.25 -14.83
C PRO A 224 -5.41 -4.76 -14.71
N GLY A 225 -4.68 -4.10 -15.63
CA GLY A 225 -4.74 -2.66 -15.77
C GLY A 225 -5.65 -2.38 -16.93
N VAL A 226 -5.05 -2.10 -18.08
CA VAL A 226 -5.81 -2.02 -19.33
C VAL A 226 -5.64 -3.37 -20.05
N SER A 227 -6.77 -4.06 -20.20
CA SER A 227 -6.83 -5.26 -20.99
C SER A 227 -7.91 -4.99 -22.06
N LEU A 228 -8.71 -5.99 -22.41
CA LEU A 228 -9.55 -5.87 -23.58
C LEU A 228 -10.47 -4.69 -23.43
N LEU A 229 -10.50 -3.87 -24.49
CA LEU A 229 -11.28 -2.65 -24.50
C LEU A 229 -12.70 -2.91 -25.04
N PRO A 230 -13.64 -1.97 -24.80
CA PRO A 230 -14.98 -2.20 -25.36
C PRO A 230 -14.97 -2.13 -26.87
N VAL A 231 -15.80 -2.94 -27.52
CA VAL A 231 -15.91 -2.96 -29.01
C VAL A 231 -16.23 -1.55 -29.51
N ALA A 232 -17.21 -0.94 -28.83
CA ALA A 232 -17.75 0.34 -29.23
C ALA A 232 -16.84 1.53 -28.90
N MET A 233 -15.83 1.34 -28.07
CA MET A 233 -14.93 2.44 -27.72
C MET A 233 -14.27 2.99 -28.98
N GLY A 234 -14.30 4.31 -29.17
CA GLY A 234 -13.66 4.93 -30.32
C GLY A 234 -12.17 4.70 -30.26
N GLU A 235 -11.60 4.21 -31.37
CA GLU A 235 -10.17 3.86 -31.44
C GLU A 235 -9.25 4.97 -30.91
N GLU A 236 -9.73 6.21 -30.91
CA GLU A 236 -9.03 7.35 -30.33
C GLU A 236 -8.97 7.30 -28.80
N GLU A 237 -10.11 6.94 -28.19
CA GLU A 237 -10.19 6.70 -26.74
C GLU A 237 -9.37 5.44 -26.43
N LYS A 238 -9.43 4.44 -27.31
CA LYS A 238 -8.67 3.21 -27.12
C LYS A 238 -7.18 3.54 -27.11
N ASP A 239 -6.73 4.41 -28.03
CA ASP A 239 -5.31 4.72 -28.14
C ASP A 239 -4.82 5.60 -26.98
N LYS A 240 -5.69 6.45 -26.45
CA LYS A 240 -5.37 7.19 -25.22
C LYS A 240 -5.05 6.24 -24.03
N TRP A 241 -5.83 5.18 -23.89
CA TRP A 241 -5.58 4.17 -22.84
C TRP A 241 -4.28 3.40 -23.12
N ARG A 242 -4.14 2.93 -24.38
CA ARG A 242 -2.93 2.23 -24.82
C ARG A 242 -1.65 3.00 -24.57
N ARG A 243 -1.64 4.28 -24.91
CA ARG A 243 -0.43 5.08 -24.79
C ARG A 243 0.02 5.28 -23.32
N LYS A 244 -0.85 5.04 -22.36
CA LYS A 244 -0.49 5.09 -20.92
C LYS A 244 0.40 3.94 -20.46
N VAL A 245 0.35 2.81 -21.17
CA VAL A 245 1.00 1.59 -20.67
C VAL A 245 2.49 1.60 -21.04
N PRO A 246 3.40 1.65 -20.04
CA PRO A 246 4.85 1.64 -20.33
C PRO A 246 5.37 0.45 -21.11
N LEU A 247 4.88 -0.76 -20.79
CA LEU A 247 5.35 -1.99 -21.44
C LEU A 247 4.57 -2.23 -22.73
N GLY A 248 5.02 -1.59 -23.81
CA GLY A 248 4.47 -1.89 -25.11
C GLY A 248 3.42 -0.94 -25.64
N ARG A 249 2.93 -0.04 -24.79
CA ARG A 249 1.87 0.91 -25.17
C ARG A 249 0.66 0.20 -25.82
N ARG A 250 0.28 -0.93 -25.21
CA ARG A 250 -0.81 -1.77 -25.68
CA ARG A 250 -0.78 -1.79 -25.68
C ARG A 250 -1.46 -2.44 -24.46
N GLU A 251 -2.72 -2.84 -24.63
CA GLU A 251 -3.50 -3.45 -23.57
C GLU A 251 -3.12 -4.93 -23.43
N ALA A 252 -3.35 -5.51 -22.26
CA ALA A 252 -3.11 -6.92 -22.06
C ALA A 252 -4.10 -7.72 -22.89
N SER A 253 -3.65 -8.83 -23.46
CA SER A 253 -4.55 -9.75 -24.10
C SER A 253 -5.23 -10.55 -23.03
N ALA A 254 -6.33 -11.18 -23.42
CA ALA A 254 -7.08 -12.05 -22.52
C ALA A 254 -6.20 -13.18 -22.07
N GLU A 255 -5.37 -13.70 -22.99
CA GLU A 255 -4.46 -14.80 -22.65
C GLU A 255 -3.43 -14.39 -21.58
N GLN A 256 -2.93 -13.17 -21.68
CA GLN A 256 -1.98 -12.65 -20.67
C GLN A 256 -2.59 -12.62 -19.27
N ILE A 257 -3.86 -12.23 -19.17
CA ILE A 257 -4.58 -12.25 -17.90
C ILE A 257 -4.76 -13.71 -17.43
N ALA A 258 -5.26 -14.57 -18.34
CA ALA A 258 -5.44 -16.00 -18.02
C ALA A 258 -4.18 -16.68 -17.54
N ASP A 259 -3.04 -16.30 -18.13
CA ASP A 259 -1.74 -16.90 -17.78
C ASP A 259 -1.47 -16.74 -16.30
N ALA A 260 -1.80 -15.58 -15.74
CA ALA A 260 -1.56 -15.36 -14.31
C ALA A 260 -2.56 -16.12 -13.47
N VAL A 261 -3.80 -16.24 -13.95
CA VAL A 261 -4.76 -17.10 -13.26
C VAL A 261 -4.23 -18.55 -13.18
N ILE A 262 -3.74 -19.07 -14.31
CA ILE A 262 -3.27 -20.43 -14.43
C ILE A 262 -2.08 -20.66 -13.53
N PHE A 263 -1.15 -19.71 -13.51
CA PHE A 263 -0.07 -19.79 -12.53
C PHE A 263 -0.63 -19.96 -11.12
N LEU A 264 -1.54 -19.07 -10.70
CA LEU A 264 -2.03 -19.12 -9.29
C LEU A 264 -2.74 -20.41 -8.89
N VAL A 265 -3.46 -21.02 -9.84
CA VAL A 265 -4.10 -22.28 -9.52
C VAL A 265 -3.16 -23.48 -9.56
N SER A 266 -2.00 -23.31 -10.19
CA SER A 266 -1.07 -24.42 -10.37
C SER A 266 -0.30 -24.82 -9.12
N GLY A 267 0.37 -25.96 -9.22
CA GLY A 267 1.24 -26.46 -8.15
C GLY A 267 2.46 -25.57 -7.94
N SER A 268 2.75 -24.70 -8.91
CA SER A 268 3.83 -23.70 -8.79
C SER A 268 3.51 -22.51 -7.91
N ALA A 269 2.29 -22.44 -7.39
CA ALA A 269 1.82 -21.35 -6.54
C ALA A 269 1.32 -21.91 -5.21
N GLN A 270 1.72 -23.13 -4.86
CA GLN A 270 1.14 -23.79 -3.67
C GLN A 270 1.43 -23.19 -2.32
N TYR A 271 2.39 -22.30 -2.21
CA TYR A 271 2.58 -21.56 -0.95
C TYR A 271 2.02 -20.15 -1.03
N ILE A 272 1.47 -19.78 -2.19
CA ILE A 272 0.96 -18.45 -2.39
C ILE A 272 -0.49 -18.34 -2.05
N THR A 273 -0.80 -17.44 -1.11
CA THR A 273 -2.17 -17.14 -0.77
C THR A 273 -2.24 -15.74 -0.19
N GLY A 274 -3.35 -15.10 -0.44
CA GLY A 274 -3.50 -13.71 -0.09
C GLY A 274 -2.78 -12.77 -1.05
N SER A 275 -2.30 -13.25 -2.19
CA SER A 275 -1.48 -12.40 -3.09
C SER A 275 -2.27 -11.91 -4.28
N ILE A 276 -2.02 -10.67 -4.68
CA ILE A 276 -2.74 -10.10 -5.83
C ILE A 276 -1.67 -9.67 -6.79
N ILE A 277 -1.68 -10.30 -7.95
CA ILE A 277 -0.68 -10.12 -8.95
C ILE A 277 -1.22 -9.15 -10.01
N LYS A 278 -0.57 -8.00 -10.13
CA LYS A 278 -0.86 -7.04 -11.19
C LYS A 278 -0.37 -7.59 -12.49
N VAL A 279 -1.19 -7.47 -13.52
CA VAL A 279 -0.83 -7.79 -14.87
C VAL A 279 -1.19 -6.52 -15.71
N ASP A 280 -0.35 -5.50 -15.57
CA ASP A 280 -0.70 -4.14 -15.97
C ASP A 280 0.34 -3.42 -16.84
N GLY A 281 1.39 -4.16 -17.21
CA GLY A 281 2.55 -3.65 -17.86
C GLY A 281 3.09 -2.33 -17.35
N GLY A 282 3.02 -2.14 -16.04
CA GLY A 282 3.58 -0.96 -15.42
C GLY A 282 2.61 0.20 -15.21
N LEU A 283 1.37 0.07 -15.71
CA LEU A 283 0.41 1.21 -15.67
C LEU A 283 0.19 1.82 -14.26
N SER A 284 0.07 1.00 -13.22
CA SER A 284 -0.20 1.53 -11.88
C SER A 284 0.97 2.32 -11.30
N LEU A 285 2.13 2.23 -11.90
CA LEU A 285 3.30 2.91 -11.43
C LEU A 285 3.47 4.27 -12.11
N VAL A 286 2.63 4.58 -13.10
CA VAL A 286 2.78 5.81 -13.88
C VAL A 286 2.04 6.99 -13.22
N HIS A 287 2.78 8.05 -12.90
CA HIS A 287 2.17 9.24 -12.26
C HIS A 287 1.33 10.07 -13.25
N ALA A 288 0.54 10.96 -12.67
CA ALA A 288 -0.30 11.88 -13.38
C ALA A 288 0.49 12.68 -14.41
N GLU B 22 18.95 -20.67 -29.63
CA GLU B 22 20.09 -20.74 -28.68
C GLU B 22 19.66 -20.45 -27.21
N ALA B 23 20.40 -20.99 -26.25
CA ALA B 23 19.91 -21.03 -24.88
C ALA B 23 20.11 -19.67 -24.20
N PRO B 24 19.05 -19.15 -23.57
CA PRO B 24 19.19 -17.90 -22.79
C PRO B 24 20.15 -18.06 -21.61
N ALA B 25 20.57 -16.92 -21.06
CA ALA B 25 21.48 -16.94 -19.88
C ALA B 25 20.99 -16.03 -18.73
N ALA B 26 21.22 -16.50 -17.50
CA ALA B 26 20.85 -15.80 -16.27
C ALA B 26 22.03 -15.59 -15.32
N VAL B 27 22.06 -14.41 -14.70
CA VAL B 27 22.90 -14.16 -13.52
C VAL B 27 22.03 -14.28 -12.26
N VAL B 28 22.40 -15.17 -11.34
CA VAL B 28 21.81 -15.24 -10.04
C VAL B 28 22.88 -14.87 -8.99
N THR B 29 22.65 -13.79 -8.22
CA THR B 29 23.60 -13.37 -7.16
C THR B 29 23.31 -14.21 -5.89
N GLY B 30 24.33 -14.44 -5.08
CA GLY B 30 24.25 -15.30 -3.91
C GLY B 30 23.64 -16.65 -4.20
N ALA B 31 24.12 -17.30 -5.25
CA ALA B 31 23.48 -18.52 -5.79
C ALA B 31 24.08 -19.83 -5.29
N ALA B 32 25.02 -19.79 -4.35
CA ALA B 32 25.72 -21.00 -3.90
C ALA B 32 24.88 -21.91 -3.01
N LYS B 33 23.95 -21.31 -2.28
CA LYS B 33 23.23 -22.01 -1.25
C LYS B 33 21.77 -21.58 -1.17
N ARG B 34 20.98 -22.44 -0.52
CA ARG B 34 19.65 -22.05 -0.03
C ARG B 34 18.79 -21.54 -1.18
N ILE B 35 18.17 -20.37 -1.02
CA ILE B 35 17.22 -19.91 -2.00
C ILE B 35 17.87 -19.63 -3.37
N GLY B 36 19.00 -18.92 -3.41
CA GLY B 36 19.62 -18.60 -4.69
C GLY B 36 20.05 -19.84 -5.49
N ARG B 37 20.52 -20.85 -4.80
CA ARG B 37 20.85 -22.13 -5.41
C ARG B 37 19.64 -22.75 -6.11
N ALA B 38 18.49 -22.73 -5.44
CA ALA B 38 17.28 -23.38 -5.96
C ALA B 38 16.81 -22.61 -7.17
N ILE B 39 16.99 -21.29 -7.11
CA ILE B 39 16.72 -20.45 -8.27
C ILE B 39 17.64 -20.82 -9.43
N ALA B 40 18.95 -20.95 -9.18
CA ALA B 40 19.82 -21.26 -10.29
C ALA B 40 19.52 -22.67 -10.88
N VAL B 41 19.22 -23.64 -10.02
CA VAL B 41 18.84 -25.00 -10.45
C VAL B 41 17.59 -24.98 -11.33
N LYS B 42 16.57 -24.24 -10.91
CA LYS B 42 15.31 -24.24 -11.67
C LYS B 42 15.46 -23.53 -12.97
N LEU B 43 16.25 -22.45 -12.95
CA LEU B 43 16.53 -21.75 -14.19
C LEU B 43 17.28 -22.70 -15.16
N HIS B 44 18.26 -23.41 -14.60
CA HIS B 44 19.06 -24.34 -15.40
C HIS B 44 18.15 -25.45 -15.98
N GLN B 45 17.35 -26.08 -15.11
CA GLN B 45 16.34 -27.07 -15.56
C GLN B 45 15.39 -26.55 -16.64
N THR B 46 15.16 -25.25 -16.68
CA THR B 46 14.23 -24.66 -17.62
C THR B 46 14.93 -24.42 -18.94
N GLY B 47 16.25 -24.51 -18.98
CA GLY B 47 16.99 -24.29 -20.24
C GLY B 47 17.98 -23.13 -20.23
N TYR B 48 18.10 -22.42 -19.09
CA TYR B 48 19.06 -21.32 -19.01
C TYR B 48 20.45 -21.79 -18.78
N ARG B 49 21.40 -21.06 -19.38
CA ARG B 49 22.77 -21.10 -18.86
C ARG B 49 22.87 -20.11 -17.67
N VAL B 50 23.66 -20.45 -16.64
CA VAL B 50 23.70 -19.68 -15.39
C VAL B 50 25.11 -19.19 -14.96
N VAL B 51 25.19 -17.92 -14.54
CA VAL B 51 26.29 -17.44 -13.71
C VAL B 51 25.90 -17.55 -12.25
N ILE B 52 26.61 -18.38 -11.53
CA ILE B 52 26.45 -18.58 -10.10
C ILE B 52 27.38 -17.60 -9.38
N HIS B 53 26.86 -16.47 -8.91
CA HIS B 53 27.70 -15.48 -8.22
C HIS B 53 27.77 -15.95 -6.74
N TYR B 54 28.88 -15.72 -6.09
CA TYR B 54 29.03 -16.05 -4.68
C TYR B 54 29.98 -15.05 -4.00
N HIS B 55 29.98 -15.02 -2.68
CA HIS B 55 30.90 -14.14 -1.97
C HIS B 55 31.93 -14.99 -1.23
N ASN B 56 31.50 -15.62 -0.16
CA ASN B 56 32.35 -16.46 0.63
C ASN B 56 32.19 -17.94 0.34
N SER B 57 31.12 -18.35 -0.32
CA SER B 57 30.77 -19.77 -0.43
C SER B 57 31.32 -20.45 -1.73
N ALA B 58 32.64 -20.40 -1.89
CA ALA B 58 33.29 -20.84 -3.14
C ALA B 58 33.03 -22.32 -3.39
N GLU B 59 33.19 -23.12 -2.36
CA GLU B 59 33.10 -24.55 -2.50
C GLU B 59 31.70 -24.97 -2.92
N ALA B 60 30.65 -24.37 -2.32
CA ALA B 60 29.28 -24.68 -2.71
C ALA B 60 28.98 -24.14 -4.09
N ALA B 61 29.46 -22.94 -4.42
CA ALA B 61 29.26 -22.42 -5.75
C ALA B 61 29.81 -23.37 -6.86
N VAL B 62 31.06 -23.82 -6.67
CA VAL B 62 31.72 -24.70 -7.61
C VAL B 62 31.05 -26.08 -7.70
N SER B 63 30.66 -26.62 -6.57
CA SER B 63 29.94 -27.83 -6.49
C SER B 63 28.64 -27.76 -7.25
N LEU B 64 27.95 -26.62 -7.17
CA LEU B 64 26.76 -26.42 -7.96
C LEU B 64 27.10 -26.38 -9.44
N ALA B 65 28.08 -25.58 -9.79
CA ALA B 65 28.47 -25.46 -11.22
C ALA B 65 28.85 -26.85 -11.81
N ASP B 66 29.60 -27.63 -11.05
CA ASP B 66 30.00 -28.95 -11.52
C ASP B 66 28.78 -29.86 -11.77
N GLU B 67 27.83 -29.85 -10.82
CA GLU B 67 26.58 -30.64 -10.93
C GLU B 67 25.82 -30.24 -12.19
N LEU B 68 25.64 -28.93 -12.42
CA LEU B 68 24.92 -28.44 -13.56
C LEU B 68 25.66 -28.73 -14.88
N ASN B 69 26.99 -28.62 -14.88
CA ASN B 69 27.75 -28.90 -16.10
C ASN B 69 27.80 -30.37 -16.49
N LYS B 70 27.64 -31.23 -15.49
CA LYS B 70 27.47 -32.66 -15.67
C LYS B 70 26.13 -32.90 -16.39
N GLU B 71 25.08 -32.25 -15.92
CA GLU B 71 23.79 -32.22 -16.63
C GLU B 71 23.90 -31.77 -18.09
N ARG B 72 24.45 -30.57 -18.35
CA ARG B 72 24.76 -30.10 -19.70
C ARG B 72 26.11 -29.38 -19.68
N SER B 73 27.07 -29.85 -20.48
CA SER B 73 28.38 -29.21 -20.57
C SER B 73 28.30 -27.76 -20.88
N ASN B 74 29.16 -26.99 -20.23
CA ASN B 74 29.36 -25.57 -20.57
C ASN B 74 28.14 -24.70 -20.41
N THR B 75 27.35 -25.01 -19.39
CA THR B 75 26.15 -24.26 -19.10
C THR B 75 26.17 -23.52 -17.75
N ALA B 76 27.27 -23.60 -17.00
CA ALA B 76 27.34 -22.96 -15.66
C ALA B 76 28.75 -22.49 -15.38
N VAL B 77 28.86 -21.24 -14.91
CA VAL B 77 30.13 -20.67 -14.46
C VAL B 77 29.86 -19.96 -13.16
N VAL B 78 30.93 -19.74 -12.39
CA VAL B 78 30.83 -19.06 -11.12
C VAL B 78 31.51 -17.72 -11.26
N CYS B 79 31.12 -16.78 -10.42
CA CYS B 79 31.73 -15.47 -10.37
C CYS B 79 31.75 -14.91 -8.95
N GLN B 80 32.93 -14.55 -8.44
CA GLN B 80 33.11 -14.11 -7.04
C GLN B 80 33.08 -12.58 -6.95
N ALA B 81 32.27 -12.05 -6.03
CA ALA B 81 32.31 -10.60 -5.73
C ALA B 81 31.69 -10.32 -4.38
N ASP B 82 32.31 -9.39 -3.65
CA ASP B 82 31.70 -8.73 -2.51
C ASP B 82 30.74 -7.69 -3.05
N LEU B 83 29.49 -7.71 -2.61
CA LEU B 83 28.52 -6.69 -3.01
C LEU B 83 28.23 -5.64 -1.92
N THR B 84 29.11 -5.53 -0.94
CA THR B 84 29.13 -4.40 -0.02
C THR B 84 29.32 -3.09 -0.79
N ASN B 85 28.67 -2.04 -0.33
CA ASN B 85 28.83 -0.77 -0.99
C ASN B 85 30.28 -0.26 -0.79
N SER B 86 30.92 0.20 -1.85
CA SER B 86 32.26 0.84 -1.75
C SER B 86 32.53 1.51 -3.08
N ASN B 87 33.69 2.16 -3.20
CA ASN B 87 34.14 2.80 -4.44
CA ASN B 87 33.94 2.83 -4.46
C ASN B 87 34.26 1.83 -5.60
N VAL B 88 34.51 0.55 -5.28
CA VAL B 88 34.69 -0.47 -6.31
C VAL B 88 33.44 -1.25 -6.68
N LEU B 89 32.32 -0.98 -6.04
CA LEU B 89 31.11 -1.78 -6.26
C LEU B 89 30.61 -1.68 -7.69
N PRO B 90 30.56 -0.44 -8.27
CA PRO B 90 30.12 -0.33 -9.66
C PRO B 90 30.95 -1.18 -10.59
N ALA B 91 32.26 -1.22 -10.39
CA ALA B 91 33.11 -2.03 -11.28
C ALA B 91 32.87 -3.52 -11.02
N SER B 92 32.69 -3.90 -9.77
CA SER B 92 32.37 -5.29 -9.44
C SER B 92 31.07 -5.74 -10.14
N CYS B 93 30.02 -4.95 -10.00
CA CYS B 93 28.75 -5.25 -10.67
C CYS B 93 28.84 -5.32 -12.20
N GLU B 94 29.56 -4.38 -12.81
CA GLU B 94 29.86 -4.44 -14.24
C GLU B 94 30.54 -5.74 -14.63
N GLU B 95 31.47 -6.19 -13.80
CA GLU B 95 32.19 -7.43 -14.07
C GLU B 95 31.28 -8.66 -14.01
N ILE B 96 30.33 -8.64 -13.07
CA ILE B 96 29.40 -9.75 -12.96
C ILE B 96 28.59 -9.87 -14.25
N ILE B 97 28.02 -8.77 -14.74
CA ILE B 97 27.26 -8.80 -15.97
C ILE B 97 28.19 -9.22 -17.14
N ASN B 98 29.37 -8.60 -17.21
CA ASN B 98 30.31 -8.88 -18.29
C ASN B 98 30.66 -10.33 -18.32
N SER B 99 30.75 -10.93 -17.15
CA SER B 99 31.08 -12.31 -17.07
C SER B 99 30.05 -13.23 -17.74
N CYS B 100 28.76 -12.91 -17.66
CA CYS B 100 27.72 -13.69 -18.30
C CYS B 100 27.85 -13.56 -19.82
N PHE B 101 28.13 -12.35 -20.31
CA PHE B 101 28.42 -12.15 -21.74
C PHE B 101 29.68 -12.85 -22.24
N ARG B 102 30.74 -12.88 -21.45
CA ARG B 102 31.96 -13.62 -21.85
C ARG B 102 31.69 -15.11 -21.88
N ALA B 103 30.93 -15.62 -20.92
CA ALA B 103 30.66 -17.04 -20.87
C ALA B 103 29.67 -17.47 -21.95
N PHE B 104 28.61 -16.70 -22.18
CA PHE B 104 27.43 -17.19 -22.92
C PHE B 104 27.01 -16.32 -24.10
N GLY B 105 27.62 -15.16 -24.25
CA GLY B 105 27.35 -14.29 -25.40
C GLY B 105 26.10 -13.46 -25.25
N ARG B 106 25.44 -13.58 -24.11
CA ARG B 106 24.16 -12.91 -23.85
C ARG B 106 23.83 -12.92 -22.34
N CYS B 107 22.88 -12.07 -21.94
CA CYS B 107 22.40 -12.03 -20.52
C CYS B 107 20.94 -11.62 -20.55
N ASP B 108 20.08 -12.60 -20.33
CA ASP B 108 18.65 -12.44 -20.49
C ASP B 108 17.94 -12.11 -19.20
N VAL B 109 18.51 -12.56 -18.08
CA VAL B 109 17.83 -12.58 -16.80
C VAL B 109 18.88 -12.26 -15.70
N LEU B 110 18.48 -11.32 -14.84
CA LEU B 110 19.24 -10.95 -13.65
C LEU B 110 18.33 -11.24 -12.44
N VAL B 111 18.82 -12.04 -11.51
CA VAL B 111 18.11 -12.29 -10.26
C VAL B 111 18.93 -11.74 -9.10
N ASN B 112 18.45 -10.67 -8.48
CA ASN B 112 19.11 -10.08 -7.34
C ASN B 112 18.65 -10.75 -6.05
N ASN B 113 19.42 -11.73 -5.63
CA ASN B 113 19.12 -12.55 -4.48
C ASN B 113 20.08 -12.33 -3.29
N ALA B 114 21.38 -12.10 -3.53
CA ALA B 114 22.37 -11.94 -2.46
C ALA B 114 21.92 -10.83 -1.52
N SER B 115 22.12 -11.07 -0.22
CA SER B 115 21.59 -10.20 0.78
C SER B 115 22.28 -10.45 2.11
N ALA B 116 22.82 -9.39 2.74
CA ALA B 116 23.29 -9.45 4.16
C ALA B 116 22.11 -9.21 5.08
N PHE B 117 22.14 -9.86 6.25
CA PHE B 117 20.99 -9.88 7.10
C PHE B 117 21.47 -10.07 8.53
N TYR B 118 21.20 -9.09 9.38
CA TYR B 118 21.51 -9.17 10.82
C TYR B 118 20.95 -7.91 11.48
N PRO B 119 20.76 -7.95 12.81
CA PRO B 119 20.16 -6.81 13.50
C PRO B 119 21.09 -5.58 13.58
N THR B 120 20.49 -4.40 13.56
CA THR B 120 21.23 -3.16 13.82
C THR B 120 20.39 -2.25 14.73
N PRO B 121 20.38 -2.56 16.01
CA PRO B 121 19.56 -1.82 16.95
C PRO B 121 19.85 -0.33 16.97
N LEU B 122 18.78 0.46 17.08
CA LEU B 122 18.87 1.90 17.26
C LEU B 122 19.41 2.29 18.64
N VAL B 123 19.22 1.48 19.67
CA VAL B 123 19.67 1.90 21.01
C VAL B 123 20.50 0.84 21.74
N GLY B 133 31.67 -5.81 16.85
CA GLY B 133 32.82 -5.77 15.96
C GLY B 133 32.65 -4.69 14.90
N LYS B 134 31.52 -4.73 14.19
CA LYS B 134 31.32 -3.90 13.00
C LYS B 134 30.89 -2.50 13.33
N THR B 135 31.55 -1.49 12.76
CA THR B 135 31.06 -0.13 12.84
C THR B 135 29.71 -0.01 12.10
N VAL B 136 28.94 0.98 12.52
CA VAL B 136 27.65 1.20 11.92
C VAL B 136 27.82 1.53 10.42
N GLU B 137 28.85 2.28 10.02
CA GLU B 137 28.99 2.54 8.58
C GLU B 137 29.34 1.26 7.80
N THR B 138 29.97 0.28 8.42
CA THR B 138 30.18 -1.00 7.73
C THR B 138 28.84 -1.71 7.51
N GLN B 139 28.02 -1.70 8.57
CA GLN B 139 26.65 -2.25 8.54
C GLN B 139 25.82 -1.59 7.43
N VAL B 140 25.91 -0.27 7.34
CA VAL B 140 25.27 0.44 6.26
C VAL B 140 25.81 -0.10 4.94
N ALA B 141 27.13 -0.17 4.80
CA ALA B 141 27.72 -0.63 3.55
C ALA B 141 27.20 -2.01 3.18
N GLU B 142 27.17 -2.93 4.13
CA GLU B 142 26.79 -4.28 3.83
C GLU B 142 25.31 -4.48 3.59
N LEU B 143 24.50 -3.91 4.48
CA LEU B 143 23.08 -4.13 4.42
C LEU B 143 22.43 -3.33 3.30
N ILE B 144 22.84 -2.08 3.11
CA ILE B 144 22.24 -1.29 2.02
C ILE B 144 22.92 -1.63 0.67
N GLY B 145 24.23 -1.89 0.70
CA GLY B 145 24.94 -2.41 -0.45
C GLY B 145 24.32 -3.64 -1.03
N THR B 146 24.18 -4.71 -0.23
CA THR B 146 23.76 -5.97 -0.82
C THR B 146 22.28 -5.93 -1.24
N ASN B 147 21.46 -5.32 -0.41
CA ASN B 147 20.01 -5.34 -0.62
C ASN B 147 19.48 -4.32 -1.58
N ALA B 148 20.24 -3.26 -1.85
CA ALA B 148 19.74 -2.18 -2.69
C ALA B 148 20.73 -1.62 -3.67
N ILE B 149 21.93 -1.27 -3.22
CA ILE B 149 22.82 -0.55 -4.13
C ILE B 149 23.40 -1.49 -5.19
N ALA B 150 23.82 -2.67 -4.78
CA ALA B 150 24.29 -3.65 -5.73
C ALA B 150 23.17 -4.00 -6.71
N PRO B 151 21.94 -4.24 -6.22
CA PRO B 151 20.93 -4.46 -7.24
C PRO B 151 20.82 -3.31 -8.25
N PHE B 152 20.93 -2.08 -7.79
CA PHE B 152 20.80 -0.92 -8.71
C PHE B 152 21.94 -0.91 -9.79
N LEU B 153 23.17 -1.12 -9.34
CA LEU B 153 24.34 -1.11 -10.21
C LEU B 153 24.31 -2.29 -11.18
N LEU B 154 23.90 -3.44 -10.66
CA LEU B 154 23.66 -4.59 -11.55
C LEU B 154 22.58 -4.34 -12.62
N THR B 155 21.52 -3.64 -12.25
CA THR B 155 20.44 -3.26 -13.15
C THR B 155 20.96 -2.30 -14.22
N MET B 156 21.76 -1.33 -13.81
CA MET B 156 22.38 -0.38 -14.75
C MET B 156 23.23 -1.11 -15.75
N SER B 157 24.14 -1.97 -15.27
CA SER B 157 25.06 -2.70 -16.15
C SER B 157 24.32 -3.66 -17.07
N PHE B 158 23.33 -4.38 -16.53
CA PHE B 158 22.49 -5.26 -17.31
C PHE B 158 21.84 -4.53 -18.47
N ALA B 159 21.24 -3.40 -18.16
CA ALA B 159 20.49 -2.61 -19.15
C ALA B 159 21.42 -1.97 -20.16
N GLN B 160 22.58 -1.49 -19.69
CA GLN B 160 23.56 -0.85 -20.55
C GLN B 160 24.06 -1.85 -21.61
N ARG B 161 24.29 -3.09 -21.23
CA ARG B 161 24.57 -4.17 -22.19
C ARG B 161 23.46 -4.50 -23.20
N GLN B 162 22.22 -4.11 -22.92
CA GLN B 162 21.12 -4.34 -23.86
C GLN B 162 20.80 -3.11 -24.73
N LYS B 163 21.45 -1.98 -24.44
CA LYS B 163 21.29 -0.75 -25.22
C LYS B 163 22.16 -0.79 -26.49
N SER B 171 11.75 -12.05 -30.12
CA SER B 171 11.61 -13.24 -29.29
C SER B 171 12.48 -13.27 -27.99
N SER B 172 13.26 -12.21 -27.75
CA SER B 172 13.98 -12.06 -26.49
C SER B 172 12.97 -11.84 -25.34
N ASN B 173 13.26 -12.39 -24.18
CA ASN B 173 12.42 -12.17 -23.01
C ASN B 173 13.37 -11.79 -21.89
N LEU B 174 13.67 -10.49 -21.83
CA LEU B 174 14.62 -9.94 -20.90
C LEU B 174 13.90 -9.54 -19.61
N SER B 175 14.37 -9.99 -18.46
CA SER B 175 13.80 -9.49 -17.20
C SER B 175 14.72 -9.58 -16.01
N ILE B 176 14.33 -8.84 -14.96
CA ILE B 176 15.04 -8.82 -13.71
C ILE B 176 14.06 -9.22 -12.63
N VAL B 177 14.52 -9.98 -11.64
CA VAL B 177 13.67 -10.38 -10.51
C VAL B 177 14.47 -10.06 -9.26
N ASN B 178 13.89 -9.28 -8.36
CA ASN B 178 14.49 -8.89 -7.09
C ASN B 178 13.86 -9.67 -5.94
N LEU B 179 14.70 -10.21 -5.07
CA LEU B 179 14.22 -10.92 -3.90
C LEU B 179 14.00 -9.90 -2.80
N CYS B 180 12.74 -9.66 -2.54
CA CYS B 180 12.23 -8.70 -1.58
C CYS B 180 11.90 -9.41 -0.27
N ASP B 181 10.92 -8.89 0.47
CA ASP B 181 10.59 -9.44 1.80
C ASP B 181 9.12 -9.11 2.06
N ALA B 182 8.29 -10.14 2.24
CA ALA B 182 6.88 -9.93 2.46
C ALA B 182 6.57 -9.16 3.74
N MET B 183 7.50 -9.16 4.70
CA MET B 183 7.28 -8.51 5.99
CA MET B 183 7.34 -8.52 6.02
C MET B 183 7.79 -7.07 6.06
N VAL B 184 8.04 -6.48 4.91
CA VAL B 184 8.65 -5.19 4.83
C VAL B 184 7.81 -4.06 5.45
N ASP B 185 6.48 -4.19 5.49
CA ASP B 185 5.70 -3.20 6.25
C ASP B 185 5.23 -3.67 7.63
N GLN B 186 5.74 -4.82 8.08
CA GLN B 186 5.61 -5.25 9.47
C GLN B 186 6.99 -5.69 9.98
N PRO B 187 7.92 -4.73 10.02
CA PRO B 187 9.31 -5.07 10.15
C PRO B 187 9.63 -5.70 11.50
N CYS B 188 10.68 -6.49 11.56
CA CYS B 188 11.12 -7.12 12.81
C CYS B 188 11.90 -6.11 13.62
N MET B 189 11.76 -6.25 14.92
CA MET B 189 12.45 -5.45 15.92
C MET B 189 13.97 -5.45 15.70
N ALA B 190 14.54 -4.25 15.64
CA ALA B 190 16.01 -4.04 15.59
C ALA B 190 16.64 -4.32 14.21
N PHE B 191 15.82 -4.39 13.14
CA PHE B 191 16.30 -4.67 11.78
C PHE B 191 16.12 -3.47 10.80
N SER B 192 16.30 -2.26 11.32
CA SER B 192 15.99 -1.04 10.56
C SER B 192 16.82 -0.93 9.27
N LEU B 193 18.13 -1.17 9.34
CA LEU B 193 18.96 -1.09 8.14
C LEU B 193 18.61 -2.14 7.07
N TYR B 194 18.43 -3.38 7.50
CA TYR B 194 17.94 -4.46 6.59
C TYR B 194 16.59 -4.08 5.95
N ASN B 195 15.66 -3.63 6.82
CA ASN B 195 14.34 -3.20 6.37
C ASN B 195 14.44 -2.03 5.37
N MET B 196 15.32 -1.10 5.67
CA MET B 196 15.55 0.06 4.79
C MET B 196 16.04 -0.42 3.43
N GLY B 197 16.98 -1.35 3.46
CA GLY B 197 17.46 -2.01 2.24
C GLY B 197 16.41 -2.65 1.39
N LYS B 198 15.58 -3.47 1.99
CA LYS B 198 14.46 -4.08 1.27
C LYS B 198 13.44 -3.10 0.75
N HIS B 199 13.15 -2.05 1.54
CA HIS B 199 12.27 -0.99 1.07
C HIS B 199 12.84 -0.31 -0.15
N ALA B 200 14.14 -0.01 -0.14
CA ALA B 200 14.81 0.60 -1.31
C ALA B 200 14.71 -0.34 -2.51
N LEU B 201 14.83 -1.64 -2.25
CA LEU B 201 14.73 -2.63 -3.32
C LEU B 201 13.35 -2.59 -4.01
N VAL B 202 12.30 -2.39 -3.22
CA VAL B 202 10.94 -2.21 -3.72
C VAL B 202 10.93 -0.98 -4.65
N GLY B 203 11.50 0.13 -4.18
CA GLY B 203 11.54 1.37 -5.02
C GLY B 203 12.28 1.14 -6.32
N LEU B 204 13.41 0.43 -6.23
CA LEU B 204 14.20 0.10 -7.41
C LEU B 204 13.39 -0.73 -8.39
N THR B 205 12.74 -1.76 -7.86
CA THR B 205 11.90 -2.64 -8.67
C THR B 205 10.89 -1.82 -9.47
N GLN B 206 10.19 -0.91 -8.78
CA GLN B 206 9.22 -0.02 -9.43
C GLN B 206 9.85 1.02 -10.41
N SER B 207 10.90 1.72 -9.96
CA SER B 207 11.55 2.74 -10.82
C SER B 207 12.14 2.10 -12.10
N ALA B 208 12.87 1.00 -11.93
CA ALA B 208 13.47 0.33 -13.08
C ALA B 208 12.40 -0.26 -14.00
N ALA B 209 11.31 -0.84 -13.43
CA ALA B 209 10.22 -1.32 -14.29
C ALA B 209 9.78 -0.23 -15.26
N LEU B 210 9.56 0.96 -14.74
CA LEU B 210 9.13 2.07 -15.58
C LEU B 210 10.18 2.48 -16.58
N GLU B 211 11.40 2.63 -16.11
CA GLU B 211 12.46 3.21 -16.91
C GLU B 211 12.94 2.25 -17.98
N LEU B 212 12.90 0.95 -17.72
CA LEU B 212 13.41 -0.03 -18.68
C LEU B 212 12.36 -0.66 -19.57
N ALA B 213 11.09 -0.33 -19.32
CA ALA B 213 9.99 -0.85 -20.15
C ALA B 213 10.19 -0.56 -21.65
N PRO B 214 10.75 0.63 -21.99
CA PRO B 214 11.01 0.94 -23.41
C PRO B 214 11.99 -0.02 -24.07
N TYR B 215 12.87 -0.65 -23.30
CA TYR B 215 13.80 -1.62 -23.84
C TYR B 215 13.29 -3.06 -23.80
N GLY B 216 12.02 -3.27 -23.45
CA GLY B 216 11.49 -4.60 -23.31
C GLY B 216 12.01 -5.37 -22.10
N ILE B 217 12.62 -4.69 -21.13
CA ILE B 217 13.11 -5.38 -19.91
C ILE B 217 12.09 -5.22 -18.80
N ARG B 218 11.51 -6.34 -18.37
CA ARG B 218 10.56 -6.34 -17.26
C ARG B 218 11.35 -6.45 -15.96
N VAL B 219 10.84 -5.82 -14.90
CA VAL B 219 11.45 -5.85 -13.58
C VAL B 219 10.44 -6.15 -12.49
N ASN B 220 10.62 -7.26 -11.78
CA ASN B 220 9.61 -7.69 -10.84
C ASN B 220 10.28 -8.18 -9.60
N GLY B 221 9.49 -8.52 -8.58
CA GLY B 221 10.03 -9.07 -7.35
C GLY B 221 9.32 -10.30 -6.86
N VAL B 222 10.03 -11.04 -6.06
CA VAL B 222 9.45 -12.09 -5.28
C VAL B 222 9.75 -11.81 -3.84
N ALA B 223 8.73 -11.95 -2.99
CA ALA B 223 8.76 -11.50 -1.63
C ALA B 223 8.44 -12.69 -0.68
N PRO B 224 9.48 -13.39 -0.23
CA PRO B 224 9.23 -14.48 0.67
C PRO B 224 8.80 -13.96 2.03
N GLY B 225 8.11 -14.79 2.78
CA GLY B 225 7.78 -14.46 4.18
C GLY B 225 8.78 -15.15 5.08
N VAL B 226 8.39 -16.31 5.60
CA VAL B 226 9.30 -17.26 6.22
C VAL B 226 9.61 -18.34 5.19
N SER B 227 10.84 -18.38 4.76
CA SER B 227 11.35 -19.47 3.96
C SER B 227 12.44 -20.13 4.82
N LEU B 228 13.52 -20.53 4.20
CA LEU B 228 14.55 -21.33 4.85
C LEU B 228 15.05 -20.61 6.09
N LEU B 229 15.01 -21.32 7.22
CA LEU B 229 15.43 -20.79 8.49
C LEU B 229 16.92 -21.11 8.68
N PRO B 230 17.62 -20.41 9.57
CA PRO B 230 19.04 -20.78 9.70
C PRO B 230 19.20 -22.20 10.28
N VAL B 231 20.21 -22.93 9.79
CA VAL B 231 20.45 -24.29 10.23
C VAL B 231 20.64 -24.25 11.74
N ALA B 232 21.38 -23.26 12.20
CA ALA B 232 21.78 -23.20 13.60
C ALA B 232 20.68 -22.72 14.54
N MET B 233 19.60 -22.13 13.99
CA MET B 233 18.48 -21.67 14.78
C MET B 233 17.82 -22.88 15.49
N GLY B 234 17.62 -22.78 16.79
CA GLY B 234 16.94 -23.84 17.55
C GLY B 234 15.60 -24.17 16.96
N GLU B 235 15.30 -25.46 16.81
CA GLU B 235 14.02 -25.92 16.21
C GLU B 235 12.80 -25.30 16.91
N GLU B 236 12.95 -25.04 18.21
CA GLU B 236 11.90 -24.44 19.02
C GLU B 236 11.64 -22.98 18.55
N GLU B 237 12.71 -22.25 18.21
CA GLU B 237 12.58 -20.90 17.64
C GLU B 237 12.07 -20.96 16.19
N LYS B 238 12.54 -21.95 15.40
CA LYS B 238 12.04 -22.16 14.01
C LYS B 238 10.55 -22.38 14.05
N ASP B 239 10.12 -23.17 15.04
CA ASP B 239 8.71 -23.44 15.21
C ASP B 239 7.87 -22.18 15.60
N LYS B 240 8.39 -21.24 16.37
CA LYS B 240 7.63 -20.01 16.62
C LYS B 240 7.35 -19.32 15.27
N TRP B 241 8.31 -19.37 14.34
CA TRP B 241 8.10 -18.73 13.03
C TRP B 241 7.12 -19.54 12.20
N ARG B 242 7.36 -20.84 12.12
CA ARG B 242 6.48 -21.71 11.35
C ARG B 242 5.03 -21.59 11.76
N ARG B 243 4.77 -21.56 13.07
CA ARG B 243 3.40 -21.49 13.58
CA ARG B 243 3.39 -21.46 13.62
C ARG B 243 2.66 -20.20 13.19
N LYS B 244 3.40 -19.18 12.80
CA LYS B 244 2.77 -17.91 12.38
C LYS B 244 2.10 -18.02 10.98
N VAL B 245 2.44 -19.04 10.18
CA VAL B 245 2.02 -19.11 8.75
C VAL B 245 0.65 -19.79 8.59
N PRO B 246 -0.38 -19.02 8.17
CA PRO B 246 -1.71 -19.60 8.05
C PRO B 246 -1.74 -20.87 7.22
N LEU B 247 -1.05 -20.86 6.07
CA LEU B 247 -1.11 -21.93 5.13
C LEU B 247 -0.07 -23.02 5.47
N GLY B 248 -0.48 -24.00 6.26
CA GLY B 248 0.38 -25.15 6.51
C GLY B 248 1.23 -25.06 7.76
N ARG B 249 1.27 -23.90 8.42
CA ARG B 249 2.13 -23.69 9.56
C ARG B 249 3.57 -24.17 9.32
N ARG B 250 4.09 -23.84 8.15
CA ARG B 250 5.45 -24.20 7.73
C ARG B 250 6.04 -23.09 6.83
N GLU B 251 7.36 -23.12 6.73
CA GLU B 251 8.14 -22.19 5.97
C GLU B 251 8.07 -22.61 4.51
N ALA B 252 8.32 -21.69 3.60
CA ALA B 252 8.41 -22.03 2.19
C ALA B 252 9.72 -22.73 1.92
N SER B 253 9.69 -23.73 1.05
CA SER B 253 10.90 -24.32 0.55
C SER B 253 11.55 -23.30 -0.38
N ALA B 254 12.84 -23.50 -0.64
CA ALA B 254 13.56 -22.69 -1.60
C ALA B 254 12.96 -22.88 -2.97
N GLU B 255 12.50 -24.10 -3.22
CA GLU B 255 11.91 -24.47 -4.50
C GLU B 255 10.61 -23.68 -4.74
N GLN B 256 9.81 -23.51 -3.70
CA GLN B 256 8.57 -22.72 -3.82
C GLN B 256 8.88 -21.24 -4.13
N ILE B 257 9.94 -20.69 -3.52
CA ILE B 257 10.41 -19.34 -3.91
C ILE B 257 10.84 -19.33 -5.35
N ALA B 258 11.63 -20.35 -5.75
CA ALA B 258 12.16 -20.40 -7.09
C ALA B 258 11.03 -20.50 -8.12
N ASP B 259 9.95 -21.20 -7.77
CA ASP B 259 8.81 -21.33 -8.69
C ASP B 259 8.25 -19.98 -9.15
N ALA B 260 8.21 -19.00 -8.23
CA ALA B 260 7.64 -17.67 -8.54
C ALA B 260 8.57 -16.94 -9.44
N VAL B 261 9.86 -17.13 -9.21
CA VAL B 261 10.90 -16.54 -10.09
C VAL B 261 10.77 -17.07 -11.52
N ILE B 262 10.71 -18.39 -11.65
CA ILE B 262 10.48 -19.02 -12.97
C ILE B 262 9.26 -18.46 -13.67
N PHE B 263 8.15 -18.33 -12.94
CA PHE B 263 6.96 -17.72 -13.53
C PHE B 263 7.26 -16.33 -14.07
N LEU B 264 7.90 -15.49 -13.25
CA LEU B 264 8.13 -14.11 -13.63
C LEU B 264 9.05 -13.94 -14.83
N VAL B 265 10.01 -14.84 -14.98
CA VAL B 265 10.89 -14.77 -16.15
C VAL B 265 10.25 -15.43 -17.38
N SER B 266 9.18 -16.20 -17.22
CA SER B 266 8.62 -16.99 -18.35
C SER B 266 7.84 -16.15 -19.32
N GLY B 267 7.52 -16.78 -20.46
CA GLY B 267 6.65 -16.21 -21.48
C GLY B 267 5.22 -16.01 -20.97
N SER B 268 4.86 -16.66 -19.86
CA SER B 268 3.52 -16.49 -19.24
C SER B 268 3.38 -15.20 -18.44
N ALA B 269 4.44 -14.42 -18.34
CA ALA B 269 4.47 -13.19 -17.56
C ALA B 269 4.96 -12.00 -18.38
N GLN B 270 4.78 -12.10 -19.70
CA GLN B 270 5.38 -11.08 -20.55
CA GLN B 270 5.28 -11.12 -20.65
C GLN B 270 4.67 -9.71 -20.51
N TYR B 271 3.51 -9.60 -19.84
CA TYR B 271 2.87 -8.30 -19.60
C TYR B 271 3.08 -7.80 -18.15
N ILE B 272 3.70 -8.64 -17.31
CA ILE B 272 3.93 -8.34 -15.90
C ILE B 272 5.25 -7.60 -15.66
N THR B 273 5.15 -6.34 -15.23
CA THR B 273 6.31 -5.61 -14.80
C THR B 273 5.94 -4.70 -13.65
N GLY B 274 6.87 -4.49 -12.75
CA GLY B 274 6.62 -3.65 -11.62
C GLY B 274 5.84 -4.40 -10.54
N SER B 275 5.71 -5.71 -10.66
CA SER B 275 4.85 -6.45 -9.70
C SER B 275 5.72 -7.19 -8.73
N ILE B 276 5.30 -7.26 -7.48
CA ILE B 276 6.03 -8.01 -6.45
C ILE B 276 5.08 -9.09 -5.91
N ILE B 277 5.45 -10.35 -6.16
CA ILE B 277 4.60 -11.47 -5.81
C ILE B 277 4.99 -11.97 -4.43
N LYS B 278 4.08 -11.84 -3.46
CA LYS B 278 4.32 -12.45 -2.14
C LYS B 278 4.22 -13.94 -2.27
N VAL B 279 5.17 -14.63 -1.64
CA VAL B 279 5.14 -16.08 -1.54
C VAL B 279 5.30 -16.34 -0.07
N ASP B 280 4.22 -16.18 0.66
CA ASP B 280 4.34 -16.11 2.12
C ASP B 280 3.30 -16.86 2.88
N GLY B 281 2.49 -17.66 2.20
CA GLY B 281 1.55 -18.49 2.96
C GLY B 281 0.54 -17.68 3.77
N GLY B 282 0.31 -16.42 3.42
CA GLY B 282 -0.57 -15.53 4.16
C GLY B 282 0.01 -14.84 5.40
N LEU B 283 1.29 -15.02 5.67
CA LEU B 283 1.94 -14.48 6.89
C LEU B 283 1.77 -12.95 7.04
N SER B 284 1.94 -12.21 5.96
CA SER B 284 1.87 -10.77 5.98
C SER B 284 0.46 -10.25 6.30
N LEU B 285 -0.55 -11.12 6.20
CA LEU B 285 -1.93 -10.74 6.51
C LEU B 285 -2.32 -10.97 7.95
N VAL B 286 -1.41 -11.54 8.74
CA VAL B 286 -1.68 -11.92 10.11
C VAL B 286 -1.40 -10.74 11.05
N HIS B 287 -2.41 -10.32 11.77
CA HIS B 287 -2.25 -9.21 12.68
C HIS B 287 -1.50 -9.66 13.93
N ALA B 288 -1.09 -8.70 14.74
CA ALA B 288 -0.32 -8.98 15.94
C ALA B 288 -1.16 -9.76 16.91
N GLU C 22 -20.90 33.55 10.14
CA GLU C 22 -21.73 32.42 10.63
C GLU C 22 -20.86 31.17 10.98
N ALA C 23 -21.27 30.45 12.01
CA ALA C 23 -20.56 29.24 12.43
C ALA C 23 -20.76 28.06 11.42
N PRO C 24 -19.69 27.31 11.14
CA PRO C 24 -19.89 26.19 10.24
C PRO C 24 -20.67 25.08 10.91
N ALA C 25 -21.14 24.13 10.11
CA ALA C 25 -21.95 23.04 10.69
C ALA C 25 -21.46 21.67 10.23
N ALA C 26 -21.60 20.68 11.12
CA ALA C 26 -21.14 19.33 10.79
C ALA C 26 -22.21 18.27 11.06
N VAL C 27 -22.19 17.22 10.24
CA VAL C 27 -22.97 16.03 10.48
C VAL C 27 -21.99 14.95 10.96
N VAL C 28 -22.29 14.33 12.10
CA VAL C 28 -21.55 13.17 12.58
C VAL C 28 -22.53 11.99 12.71
N THR C 29 -22.27 10.91 12.02
CA THR C 29 -23.18 9.74 12.05
C THR C 29 -22.77 8.90 13.23
N GLY C 30 -23.72 8.25 13.89
CA GLY C 30 -23.44 7.40 15.04
C GLY C 30 -22.77 8.17 16.20
N ALA C 31 -23.29 9.36 16.49
CA ALA C 31 -22.63 10.33 17.37
C ALA C 31 -23.09 10.31 18.80
N ALA C 32 -23.97 9.38 19.15
CA ALA C 32 -24.59 9.39 20.45
C ALA C 32 -23.57 8.96 21.54
N LYS C 33 -22.62 8.10 21.16
CA LYS C 33 -21.73 7.44 22.10
C LYS C 33 -20.31 7.29 21.56
N ARG C 34 -19.42 6.91 22.47
CA ARG C 34 -18.09 6.43 22.15
C ARG C 34 -17.36 7.40 21.21
N ILE C 35 -16.81 6.92 20.09
CA ILE C 35 -15.93 7.76 19.28
C ILE C 35 -16.71 8.86 18.57
N GLY C 36 -17.89 8.53 18.07
CA GLY C 36 -18.71 9.54 17.41
C GLY C 36 -19.11 10.65 18.39
N ARG C 37 -19.37 10.31 19.64
CA ARG C 37 -19.68 11.38 20.61
C ARG C 37 -18.51 12.35 20.80
N ALA C 38 -17.31 11.79 20.98
CA ALA C 38 -16.10 12.57 21.20
C ALA C 38 -15.80 13.47 20.01
N ILE C 39 -16.03 12.96 18.80
CA ILE C 39 -15.91 13.78 17.58
C ILE C 39 -16.92 14.90 17.61
N ALA C 40 -18.18 14.59 17.96
CA ALA C 40 -19.20 15.64 17.97
C ALA C 40 -18.83 16.75 18.98
N VAL C 41 -18.41 16.33 20.17
CA VAL C 41 -18.03 17.27 21.21
C VAL C 41 -16.86 18.17 20.80
N LYS C 42 -15.83 17.58 20.18
CA LYS C 42 -14.70 18.38 19.73
C LYS C 42 -15.05 19.33 18.65
N LEU C 43 -15.86 18.89 17.68
CA LEU C 43 -16.29 19.81 16.66
C LEU C 43 -17.07 20.99 17.27
N HIS C 44 -17.94 20.66 18.21
CA HIS C 44 -18.73 21.69 18.89
C HIS C 44 -17.78 22.65 19.66
N GLN C 45 -16.83 22.09 20.41
CA GLN C 45 -15.80 22.90 21.08
C GLN C 45 -14.98 23.83 20.18
N THR C 46 -14.74 23.42 18.93
CA THR C 46 -14.01 24.20 17.97
C THR C 46 -14.88 25.29 17.35
N GLY C 47 -16.18 25.30 17.65
CA GLY C 47 -17.10 26.32 17.11
C GLY C 47 -18.13 25.82 16.12
N TYR C 48 -18.18 24.50 15.85
CA TYR C 48 -19.17 23.97 14.90
C TYR C 48 -20.53 23.82 15.59
N ARG C 49 -21.57 24.05 14.80
CA ARG C 49 -22.89 23.50 15.09
C ARG C 49 -22.94 22.06 14.55
N VAL C 50 -23.70 21.18 15.18
CA VAL C 50 -23.60 19.76 14.88
C VAL C 50 -24.95 19.07 14.83
N VAL C 51 -25.05 18.13 13.88
CA VAL C 51 -26.16 17.14 13.83
C VAL C 51 -25.64 15.85 14.36
N ILE C 52 -26.28 15.39 15.43
CA ILE C 52 -25.96 14.17 16.10
C ILE C 52 -26.88 13.08 15.53
N HIS C 53 -26.33 12.25 14.66
CA HIS C 53 -27.13 11.18 14.09
C HIS C 53 -27.05 10.00 15.01
N TYR C 54 -28.17 9.26 15.13
CA TYR C 54 -28.29 8.06 15.93
C TYR C 54 -29.28 7.09 15.25
N HIS C 55 -29.24 5.83 15.67
CA HIS C 55 -30.14 4.83 15.16
C HIS C 55 -30.97 4.37 16.34
N ASN C 56 -30.38 3.60 17.25
CA ASN C 56 -31.05 3.15 18.45
C ASN C 56 -30.85 4.02 19.70
N SER C 57 -29.80 4.85 19.71
CA SER C 57 -29.36 5.49 20.98
C SER C 57 -29.98 6.91 21.13
N ALA C 58 -31.31 6.98 21.17
CA ALA C 58 -31.98 8.29 21.14
C ALA C 58 -31.79 9.10 22.43
N GLU C 59 -31.84 8.39 23.55
CA GLU C 59 -31.64 9.00 24.87
C GLU C 59 -30.26 9.64 24.99
N ALA C 60 -29.24 8.86 24.60
CA ALA C 60 -27.87 9.35 24.66
C ALA C 60 -27.67 10.48 23.62
N ALA C 61 -28.23 10.35 22.43
CA ALA C 61 -28.12 11.48 21.44
C ALA C 61 -28.70 12.76 22.03
N VAL C 62 -29.90 12.66 22.59
CA VAL C 62 -30.55 13.85 23.17
C VAL C 62 -29.77 14.42 24.38
N SER C 63 -29.28 13.59 25.31
CA SER C 63 -28.47 14.13 26.42
C SER C 63 -27.24 14.83 25.89
N LEU C 64 -26.68 14.34 24.77
CA LEU C 64 -25.55 15.01 24.20
C LEU C 64 -25.96 16.38 23.69
N ALA C 65 -27.08 16.46 22.95
CA ALA C 65 -27.54 17.73 22.38
C ALA C 65 -27.86 18.71 23.54
N ASP C 66 -28.49 18.20 24.60
CA ASP C 66 -28.83 19.04 25.77
C ASP C 66 -27.55 19.66 26.31
N GLU C 67 -26.53 18.83 26.52
CA GLU C 67 -25.25 19.33 27.00
C GLU C 67 -24.66 20.41 26.13
N LEU C 68 -24.64 20.15 24.82
CA LEU C 68 -24.05 21.06 23.87
C LEU C 68 -24.85 22.36 23.76
N ASN C 69 -26.16 22.24 23.76
CA ASN C 69 -27.01 23.44 23.66
C ASN C 69 -26.97 24.28 24.94
N LYS C 70 -26.68 23.63 26.07
CA LYS C 70 -26.47 24.34 27.32
C LYS C 70 -25.22 25.23 27.21
N GLU C 71 -24.18 24.76 26.52
CA GLU C 71 -23.00 25.60 26.27
C GLU C 71 -23.34 26.76 25.35
N ARG C 72 -23.91 26.47 24.17
CA ARG C 72 -24.28 27.49 23.17
CA ARG C 72 -24.30 27.49 23.17
C ARG C 72 -25.68 27.12 22.65
N SER C 73 -26.65 28.03 22.76
CA SER C 73 -28.03 27.67 22.38
C SER C 73 -28.25 27.41 20.87
N ASN C 74 -29.10 26.42 20.58
CA ASN C 74 -29.48 26.08 19.20
C ASN C 74 -28.25 25.77 18.35
N THR C 75 -27.31 25.01 18.91
CA THR C 75 -26.14 24.60 18.14
C THR C 75 -25.96 23.08 18.01
N ALA C 76 -26.91 22.29 18.54
CA ALA C 76 -26.92 20.82 18.37
C ALA C 76 -28.33 20.40 18.14
N VAL C 77 -28.53 19.56 17.12
CA VAL C 77 -29.80 18.88 16.86
C VAL C 77 -29.51 17.39 16.66
N VAL C 78 -30.56 16.58 16.79
CA VAL C 78 -30.45 15.14 16.55
C VAL C 78 -31.20 14.71 15.28
N CYS C 79 -30.83 13.56 14.72
CA CYS C 79 -31.42 13.06 13.50
C CYS C 79 -31.34 11.54 13.52
N GLN C 80 -32.48 10.87 13.40
CA GLN C 80 -32.55 9.43 13.51
C GLN C 80 -32.53 8.80 12.12
N ALA C 81 -31.80 7.69 11.99
CA ALA C 81 -31.85 6.88 10.77
C ALA C 81 -31.11 5.54 10.90
N ASP C 82 -31.76 4.50 10.39
CA ASP C 82 -31.12 3.25 10.09
C ASP C 82 -30.30 3.48 8.84
N LEU C 83 -29.03 3.11 8.92
CA LEU C 83 -28.10 3.19 7.78
C LEU C 83 -27.80 1.82 7.10
N THR C 84 -28.54 0.77 7.51
CA THR C 84 -28.61 -0.52 6.80
C THR C 84 -28.99 -0.27 5.32
N ASN C 85 -28.38 -0.97 4.35
CA ASN C 85 -28.77 -0.74 2.97
C ASN C 85 -30.22 -1.26 2.74
N SER C 86 -31.00 -0.55 1.95
CA SER C 86 -32.40 -0.91 1.64
C SER C 86 -32.85 0.06 0.54
N ASN C 87 -34.06 -0.17 0.06
CA ASN C 87 -34.70 0.72 -0.93
C ASN C 87 -34.85 2.16 -0.44
N VAL C 88 -34.99 2.36 0.85
CA VAL C 88 -35.15 3.71 1.46
C VAL C 88 -33.84 4.42 1.87
N LEU C 89 -32.71 3.72 1.87
CA LEU C 89 -31.47 4.31 2.38
C LEU C 89 -31.10 5.63 1.66
N PRO C 90 -31.18 5.68 0.33
CA PRO C 90 -30.86 6.97 -0.26
C PRO C 90 -31.68 8.14 0.28
N ALA C 91 -32.97 7.90 0.52
CA ALA C 91 -33.85 8.95 1.00
C ALA C 91 -33.47 9.29 2.43
N SER C 92 -33.14 8.28 3.24
CA SER C 92 -32.72 8.56 4.61
C SER C 92 -31.45 9.45 4.66
N CYS C 93 -30.52 9.15 3.77
CA CYS C 93 -29.24 9.84 3.71
C CYS C 93 -29.43 11.27 3.25
N GLU C 94 -30.27 11.47 2.24
CA GLU C 94 -30.63 12.81 1.82
C GLU C 94 -31.21 13.57 3.01
N GLU C 95 -32.03 12.90 3.82
CA GLU C 95 -32.73 13.59 4.89
C GLU C 95 -31.72 14.02 5.96
N ILE C 96 -30.67 13.23 6.16
CA ILE C 96 -29.67 13.54 7.18
C ILE C 96 -28.97 14.85 6.82
N ILE C 97 -28.59 14.95 5.54
CA ILE C 97 -27.92 16.13 5.05
C ILE C 97 -28.89 17.32 5.08
N ASN C 98 -30.13 17.08 4.65
CA ASN C 98 -31.21 18.10 4.76
C ASN C 98 -31.44 18.63 6.19
N SER C 99 -31.34 17.75 7.18
CA SER C 99 -31.48 18.17 8.57
C SER C 99 -30.48 19.23 8.99
N CYS C 100 -29.25 19.10 8.45
CA CYS C 100 -28.19 20.10 8.68
C CYS C 100 -28.49 21.41 7.96
N PHE C 101 -28.89 21.34 6.71
CA PHE C 101 -29.33 22.57 6.01
C PHE C 101 -30.57 23.22 6.69
N ARG C 102 -31.49 22.39 7.14
CA ARG C 102 -32.71 22.86 7.83
CA ARG C 102 -32.70 22.89 7.78
C ARG C 102 -32.34 23.64 9.06
N ALA C 103 -31.59 22.98 9.94
CA ALA C 103 -31.26 23.52 11.24
C ALA C 103 -30.30 24.69 11.18
N PHE C 104 -29.34 24.67 10.26
CA PHE C 104 -28.20 25.53 10.39
C PHE C 104 -27.91 26.34 9.17
N GLY C 105 -28.60 26.05 8.07
CA GLY C 105 -28.44 26.84 6.85
C GLY C 105 -27.25 26.52 5.96
N ARG C 106 -26.49 25.49 6.34
CA ARG C 106 -25.24 25.14 5.68
C ARG C 106 -24.81 23.76 6.26
N CYS C 107 -23.90 23.08 5.54
CA CYS C 107 -23.32 21.79 5.95
C CYS C 107 -21.89 21.80 5.44
N ASP C 108 -20.95 22.00 6.37
CA ASP C 108 -19.55 22.18 5.98
C ASP C 108 -18.74 20.90 6.07
N VAL C 109 -19.13 20.03 6.99
CA VAL C 109 -18.39 18.85 7.35
C VAL C 109 -19.32 17.64 7.51
N LEU C 110 -18.86 16.47 7.02
CA LEU C 110 -19.57 15.21 7.18
C LEU C 110 -18.57 14.23 7.73
N VAL C 111 -18.92 13.60 8.84
CA VAL C 111 -18.10 12.59 9.44
C VAL C 111 -18.87 11.26 9.40
N ASN C 112 -18.39 10.32 8.58
CA ASN C 112 -18.98 8.99 8.48
C ASN C 112 -18.36 8.07 9.53
N ASN C 113 -19.05 7.97 10.64
CA ASN C 113 -18.55 7.23 11.80
C ASN C 113 -19.41 6.00 12.13
N ALA C 114 -20.75 6.11 11.96
CA ALA C 114 -21.66 4.97 12.17
C ALA C 114 -21.14 3.68 11.47
N SER C 115 -21.22 2.55 12.16
CA SER C 115 -20.68 1.30 11.66
C SER C 115 -21.24 0.12 12.43
N ALA C 116 -21.80 -0.83 11.69
CA ALA C 116 -22.08 -2.13 12.24
C ALA C 116 -20.82 -3.02 12.27
N PHE C 117 -20.73 -3.92 13.27
CA PHE C 117 -19.54 -4.68 13.51
C PHE C 117 -19.91 -5.98 14.25
N TYR C 118 -19.68 -7.08 13.56
CA TYR C 118 -19.82 -8.42 14.11
C TYR C 118 -19.23 -9.44 13.10
N PRO C 119 -18.91 -10.66 13.58
CA PRO C 119 -18.34 -11.72 12.72
C PRO C 119 -19.35 -12.28 11.71
N THR C 120 -18.87 -12.68 10.54
CA THR C 120 -19.66 -13.35 9.50
C THR C 120 -18.79 -14.46 8.94
N PRO C 121 -18.71 -15.59 9.67
CA PRO C 121 -17.82 -16.66 9.29
C PRO C 121 -18.11 -17.22 7.90
N LEU C 122 -17.08 -17.62 7.16
CA LEU C 122 -17.30 -18.14 5.82
C LEU C 122 -17.82 -19.58 5.83
N VAL C 123 -17.52 -20.34 6.88
CA VAL C 123 -17.85 -21.76 6.92
C VAL C 123 -18.72 -22.09 8.10
N GLY C 133 -29.40 -14.67 14.61
CA GLY C 133 -30.21 -15.38 13.63
C GLY C 133 -30.46 -14.60 12.35
N LYS C 134 -29.62 -13.60 12.07
CA LYS C 134 -29.76 -12.78 10.86
C LYS C 134 -29.35 -13.61 9.68
N THR C 135 -30.05 -13.42 8.57
CA THR C 135 -29.64 -14.08 7.37
C THR C 135 -28.36 -13.38 6.91
N VAL C 136 -27.62 -14.10 6.08
CA VAL C 136 -26.44 -13.53 5.45
C VAL C 136 -26.74 -12.24 4.69
N GLU C 137 -27.87 -12.15 3.98
CA GLU C 137 -28.14 -10.94 3.20
C GLU C 137 -28.50 -9.73 4.10
N THR C 138 -29.06 -9.98 5.28
CA THR C 138 -29.27 -8.93 6.26
C THR C 138 -27.91 -8.42 6.79
N GLN C 139 -26.96 -9.34 6.96
CA GLN C 139 -25.59 -9.01 7.37
C GLN C 139 -24.89 -8.15 6.29
N VAL C 140 -25.02 -8.56 5.05
CA VAL C 140 -24.55 -7.76 3.90
C VAL C 140 -25.15 -6.37 4.02
N ALA C 141 -26.47 -6.30 4.15
CA ALA C 141 -27.12 -4.97 4.20
C ALA C 141 -26.63 -4.10 5.35
N GLU C 142 -26.49 -4.66 6.55
CA GLU C 142 -26.03 -3.87 7.69
C GLU C 142 -24.52 -3.53 7.64
N LEU C 143 -23.67 -4.50 7.30
CA LEU C 143 -22.21 -4.31 7.38
C LEU C 143 -21.72 -3.48 6.22
N ILE C 144 -22.21 -3.79 5.04
CA ILE C 144 -21.80 -3.05 3.88
C ILE C 144 -22.60 -1.72 3.79
N GLY C 145 -23.88 -1.73 4.19
CA GLY C 145 -24.63 -0.49 4.24
C GLY C 145 -24.03 0.57 5.15
N THR C 146 -23.80 0.22 6.40
CA THR C 146 -23.31 1.19 7.38
C THR C 146 -21.88 1.60 7.08
N ASN C 147 -21.02 0.64 6.71
CA ASN C 147 -19.60 0.94 6.49
C ASN C 147 -19.24 1.56 5.12
N ALA C 148 -20.10 1.39 4.14
CA ALA C 148 -19.74 1.77 2.77
C ALA C 148 -20.86 2.42 1.99
N ILE C 149 -22.03 1.79 1.93
CA ILE C 149 -23.08 2.34 1.11
C ILE C 149 -23.68 3.64 1.67
N ALA C 150 -23.94 3.70 2.97
CA ALA C 150 -24.46 4.96 3.53
C ALA C 150 -23.43 6.08 3.38
N PRO C 151 -22.15 5.82 3.66
CA PRO C 151 -21.19 6.90 3.38
C PRO C 151 -21.16 7.39 1.93
N PHE C 152 -21.29 6.47 0.97
CA PHE C 152 -21.38 6.86 -0.46
C PHE C 152 -22.60 7.78 -0.72
N LEU C 153 -23.76 7.38 -0.24
CA LEU C 153 -25.01 8.17 -0.39
C LEU C 153 -24.99 9.52 0.33
N LEU C 154 -24.48 9.52 1.56
CA LEU C 154 -24.29 10.77 2.31
C LEU C 154 -23.32 11.70 1.61
N THR C 155 -22.26 11.12 1.05
CA THR C 155 -21.31 11.84 0.24
C THR C 155 -21.97 12.47 -1.00
N MET C 156 -22.79 11.70 -1.70
CA MET C 156 -23.54 12.21 -2.84
CA MET C 156 -23.56 12.20 -2.85
C MET C 156 -24.43 13.39 -2.43
N SER C 157 -25.21 13.21 -1.37
CA SER C 157 -26.19 14.24 -0.96
C SER C 157 -25.45 15.49 -0.45
N PHE C 158 -24.38 15.28 0.29
CA PHE C 158 -23.50 16.39 0.76
C PHE C 158 -22.95 17.17 -0.40
N ALA C 159 -22.42 16.48 -1.40
CA ALA C 159 -21.82 17.20 -2.53
C ALA C 159 -22.86 17.91 -3.39
N GLN C 160 -24.01 17.26 -3.57
CA GLN C 160 -25.08 17.77 -4.41
C GLN C 160 -25.62 19.10 -3.88
N ARG C 161 -25.76 19.19 -2.57
CA ARG C 161 -26.19 20.41 -1.89
C ARG C 161 -25.21 21.58 -1.97
N GLN C 162 -23.95 21.35 -2.30
CA GLN C 162 -23.01 22.46 -2.39
C GLN C 162 -23.04 23.02 -3.82
N THR C 170 -16.02 30.25 -1.56
CA THR C 170 -14.95 31.23 -1.74
C THR C 170 -13.88 31.03 -0.67
N SER C 171 -14.27 31.21 0.59
CA SER C 171 -13.38 30.96 1.73
C SER C 171 -13.94 29.83 2.62
N SER C 172 -14.79 28.99 2.03
CA SER C 172 -15.33 27.84 2.73
C SER C 172 -14.22 26.79 2.99
N ASN C 173 -14.48 25.89 3.93
CA ASN C 173 -13.59 24.76 4.16
C ASN C 173 -14.43 23.50 4.31
N LEU C 174 -14.82 22.96 3.17
CA LEU C 174 -15.73 21.81 3.09
C LEU C 174 -14.91 20.53 3.10
N SER C 175 -15.24 19.62 3.99
CA SER C 175 -14.58 18.33 3.96
C SER C 175 -15.43 17.21 4.53
N ILE C 176 -15.01 16.00 4.20
CA ILE C 176 -15.61 14.75 4.67
C ILE C 176 -14.51 13.94 5.35
N VAL C 177 -14.84 13.30 6.47
CA VAL C 177 -13.87 12.43 7.13
C VAL C 177 -14.55 11.08 7.37
N ASN C 178 -13.95 10.02 6.84
CA ASN C 178 -14.44 8.67 6.98
C ASN C 178 -13.67 7.89 8.02
N LEU C 179 -14.40 7.24 8.95
CA LEU C 179 -13.76 6.44 9.96
C LEU C 179 -13.48 5.06 9.39
N CYS C 180 -12.21 4.79 9.15
CA CYS C 180 -11.75 3.60 8.48
C CYS C 180 -11.27 2.66 9.57
N ASP C 181 -10.23 1.88 9.29
CA ASP C 181 -9.73 0.84 10.20
C ASP C 181 -8.27 0.58 9.85
N ALA C 182 -7.39 0.82 10.80
CA ALA C 182 -5.95 0.60 10.60
C ALA C 182 -5.57 -0.86 10.25
N MET C 183 -6.40 -1.83 10.68
CA MET C 183 -6.10 -3.24 10.47
CA MET C 183 -6.19 -3.28 10.51
C MET C 183 -6.74 -3.81 9.19
N VAL C 184 -7.13 -2.92 8.29
CA VAL C 184 -7.82 -3.33 7.09
C VAL C 184 -7.06 -4.34 6.21
N ASP C 185 -5.73 -4.27 6.21
CA ASP C 185 -4.91 -5.27 5.49
C ASP C 185 -4.30 -6.38 6.35
N GLN C 186 -4.71 -6.45 7.61
CA GLN C 186 -4.44 -7.60 8.47
C GLN C 186 -5.72 -7.94 9.21
N PRO C 187 -6.70 -8.38 8.45
CA PRO C 187 -8.05 -8.43 8.99
C PRO C 187 -8.20 -9.55 10.02
N CYS C 188 -9.17 -9.40 10.90
CA CYS C 188 -9.47 -10.42 11.91
C CYS C 188 -10.25 -11.57 11.30
N MET C 189 -9.97 -12.73 11.85
CA MET C 189 -10.59 -13.99 11.49
C MET C 189 -12.11 -13.90 11.57
N ALA C 190 -12.80 -14.38 10.54
CA ALA C 190 -14.28 -14.44 10.52
C ALA C 190 -15.01 -13.08 10.34
N PHE C 191 -14.29 -12.02 9.94
CA PHE C 191 -14.88 -10.70 9.78
C PHE C 191 -14.84 -10.25 8.32
N SER C 192 -15.06 -11.16 7.37
CA SER C 192 -14.94 -10.79 5.93
CA SER C 192 -14.94 -10.81 5.93
C SER C 192 -15.86 -9.64 5.54
N LEU C 193 -17.13 -9.66 5.94
CA LEU C 193 -18.04 -8.59 5.44
C LEU C 193 -17.72 -7.22 6.02
N TYR C 194 -17.44 -7.18 7.31
CA TYR C 194 -16.98 -5.96 7.96
C TYR C 194 -15.73 -5.43 7.22
N ASN C 195 -14.77 -6.32 7.04
CA ASN C 195 -13.51 -5.96 6.39
C ASN C 195 -13.76 -5.49 4.96
N MET C 196 -14.62 -6.23 4.26
CA MET C 196 -15.02 -5.77 2.90
C MET C 196 -15.60 -4.36 2.89
N GLY C 197 -16.47 -4.07 3.89
CA GLY C 197 -17.08 -2.74 4.05
C GLY C 197 -16.07 -1.62 4.29
N LYS C 198 -15.11 -1.87 5.18
CA LYS C 198 -14.00 -0.93 5.45
C LYS C 198 -13.06 -0.78 4.29
N HIS C 199 -12.88 -1.85 3.52
CA HIS C 199 -12.09 -1.74 2.31
C HIS C 199 -12.79 -0.86 1.26
N ALA C 200 -14.09 -1.09 1.09
CA ALA C 200 -14.94 -0.24 0.23
C ALA C 200 -14.92 1.24 0.68
N LEU C 201 -14.87 1.50 1.99
CA LEU C 201 -14.79 2.88 2.48
C LEU C 201 -13.48 3.59 2.10
N VAL C 202 -12.38 2.81 2.12
CA VAL C 202 -11.08 3.28 1.59
C VAL C 202 -11.26 3.69 0.13
N GLY C 203 -11.81 2.79 -0.68
CA GLY C 203 -12.11 3.10 -2.07
C GLY C 203 -12.92 4.39 -2.24
N LEU C 204 -13.99 4.49 -1.46
CA LEU C 204 -14.84 5.72 -1.50
C LEU C 204 -14.06 6.98 -1.15
N THR C 205 -13.24 6.87 -0.11
CA THR C 205 -12.43 7.98 0.38
C THR C 205 -11.57 8.51 -0.77
N GLN C 206 -10.91 7.57 -1.47
CA GLN C 206 -10.04 7.91 -2.58
C GLN C 206 -10.80 8.39 -3.85
N SER C 207 -11.83 7.65 -4.26
CA SER C 207 -12.66 8.07 -5.41
C SER C 207 -13.26 9.46 -5.22
N ALA C 208 -13.93 9.64 -4.07
CA ALA C 208 -14.58 10.90 -3.77
C ALA C 208 -13.58 12.08 -3.63
N ALA C 209 -12.38 11.84 -3.08
CA ALA C 209 -11.37 12.91 -2.98
C ALA C 209 -11.06 13.45 -4.39
N LEU C 210 -10.86 12.52 -5.31
CA LEU C 210 -10.59 12.87 -6.68
C LEU C 210 -11.75 13.61 -7.37
N GLU C 211 -12.96 13.09 -7.21
CA GLU C 211 -14.11 13.56 -7.97
C GLU C 211 -14.65 14.88 -7.38
N LEU C 212 -14.47 15.07 -6.08
CA LEU C 212 -14.98 16.27 -5.40
C LEU C 212 -13.93 17.37 -5.22
N ALA C 213 -12.69 17.09 -5.58
CA ALA C 213 -11.66 18.09 -5.45
C ALA C 213 -12.01 19.37 -6.22
N PRO C 214 -12.59 19.22 -7.44
CA PRO C 214 -12.92 20.43 -8.22
C PRO C 214 -13.96 21.31 -7.51
N TYR C 215 -14.74 20.74 -6.58
CA TYR C 215 -15.69 21.50 -5.78
C TYR C 215 -15.08 22.08 -4.51
N GLY C 216 -13.78 21.96 -4.30
CA GLY C 216 -13.17 22.40 -3.06
C GLY C 216 -13.50 21.47 -1.91
N ILE C 217 -14.06 20.30 -2.20
CA ILE C 217 -14.42 19.38 -1.11
C ILE C 217 -13.29 18.37 -0.90
N ARG C 218 -12.71 18.36 0.31
CA ARG C 218 -11.65 17.40 0.69
C ARG C 218 -12.30 16.19 1.30
N VAL C 219 -11.66 15.04 1.09
CA VAL C 219 -12.19 13.77 1.58
C VAL C 219 -11.05 12.93 2.12
N ASN C 220 -11.10 12.65 3.41
CA ASN C 220 -10.01 12.01 4.11
C ASN C 220 -10.54 10.99 5.06
N GLY C 221 -9.62 10.21 5.64
CA GLY C 221 -9.98 9.16 6.60
C GLY C 221 -9.16 9.19 7.87
N VAL C 222 -9.74 8.66 8.94
CA VAL C 222 -9.04 8.38 10.18
C VAL C 222 -9.24 6.89 10.47
N ALA C 223 -8.14 6.19 10.70
CA ALA C 223 -8.11 4.75 10.82
C ALA C 223 -7.68 4.34 12.25
N PRO C 224 -8.63 4.14 13.15
CA PRO C 224 -8.20 3.62 14.50
C PRO C 224 -7.69 2.20 14.40
N GLY C 225 -6.92 1.81 15.40
CA GLY C 225 -6.51 0.43 15.58
C GLY C 225 -7.39 -0.20 16.65
N VAL C 226 -6.91 -0.12 17.88
CA VAL C 226 -7.68 -0.54 19.06
C VAL C 226 -8.08 0.76 19.79
N SER C 227 -9.38 1.03 19.88
CA SER C 227 -9.90 2.21 20.63
C SER C 227 -11.16 1.91 21.49
N LEU C 228 -11.19 2.40 22.72
CA LEU C 228 -12.41 2.30 23.52
C LEU C 228 -13.08 0.93 23.46
N LEU C 229 -12.38 -0.12 23.87
CA LEU C 229 -12.97 -1.45 23.85
C LEU C 229 -14.16 -1.51 24.81
N PRO C 230 -15.29 -2.06 24.35
CA PRO C 230 -16.54 -1.97 25.09
C PRO C 230 -16.55 -2.74 26.40
N VAL C 231 -17.52 -2.38 27.23
CA VAL C 231 -17.72 -3.00 28.56
C VAL C 231 -17.98 -4.51 28.42
N ALA C 232 -18.86 -4.87 27.50
CA ALA C 232 -19.21 -6.27 27.19
C ALA C 232 -18.06 -7.28 27.05
N MET C 233 -16.94 -6.86 26.44
CA MET C 233 -15.85 -7.80 26.11
C MET C 233 -15.10 -8.30 27.34
N GLY C 234 -14.73 -9.58 27.31
CA GLY C 234 -13.94 -10.18 28.38
C GLY C 234 -12.66 -9.41 28.60
N GLU C 235 -12.23 -9.30 29.86
CA GLU C 235 -11.04 -8.52 30.22
C GLU C 235 -9.73 -9.17 29.76
N GLU C 236 -9.72 -10.49 29.66
CA GLU C 236 -8.55 -11.19 29.12
C GLU C 236 -8.38 -10.93 27.62
N GLU C 237 -9.50 -10.80 26.91
CA GLU C 237 -9.48 -10.51 25.48
C GLU C 237 -9.18 -9.02 25.24
N LYS C 238 -9.70 -8.16 26.11
CA LYS C 238 -9.35 -6.73 26.13
C LYS C 238 -7.86 -6.54 26.37
N ASP C 239 -7.31 -7.29 27.33
CA ASP C 239 -5.90 -7.17 27.68
C ASP C 239 -5.00 -7.64 26.57
N LYS C 240 -5.40 -8.75 25.93
CA LYS C 240 -4.71 -9.24 24.75
C LYS C 240 -4.61 -8.16 23.68
N TRP C 241 -5.70 -7.47 23.39
CA TRP C 241 -5.68 -6.45 22.33
C TRP C 241 -4.78 -5.29 22.78
N ARG C 242 -4.98 -4.81 24.02
CA ARG C 242 -4.19 -3.70 24.57
C ARG C 242 -2.69 -3.96 24.57
N ARG C 243 -2.31 -5.18 24.93
CA ARG C 243 -0.91 -5.58 25.00
C ARG C 243 -0.21 -5.60 23.63
N LYS C 244 -0.98 -5.73 22.56
CA LYS C 244 -0.41 -5.70 21.21
C LYS C 244 0.10 -4.32 20.77
N VAL C 245 -0.34 -3.25 21.44
CA VAL C 245 -0.07 -1.88 20.99
C VAL C 245 1.31 -1.41 21.43
N PRO C 246 2.23 -1.21 20.47
CA PRO C 246 3.59 -0.78 20.82
C PRO C 246 3.64 0.48 21.66
N LEU C 247 2.85 1.48 21.29
CA LEU C 247 2.91 2.78 21.96
C LEU C 247 2.03 2.79 23.22
N GLY C 248 2.59 2.38 24.35
CA GLY C 248 1.91 2.42 25.64
C GLY C 248 1.08 1.21 26.04
N ARG C 249 1.04 0.19 25.20
CA ARG C 249 0.20 -1.01 25.43
C ARG C 249 -1.19 -0.63 25.96
N ARG C 250 -1.85 0.33 25.32
CA ARG C 250 -3.20 0.71 25.68
C ARG C 250 -3.98 1.09 24.42
N GLU C 251 -5.31 1.08 24.54
CA GLU C 251 -6.21 1.56 23.50
C GLU C 251 -6.14 3.07 23.42
N ALA C 252 -6.48 3.57 22.25
CA ALA C 252 -6.77 4.99 22.05
C ALA C 252 -8.05 5.38 22.78
N SER C 253 -8.04 6.55 23.40
CA SER C 253 -9.26 7.16 23.88
C SER C 253 -10.08 7.63 22.67
N ALA C 254 -11.38 7.82 22.87
CA ALA C 254 -12.22 8.39 21.84
C ALA C 254 -11.73 9.77 21.46
N GLU C 255 -11.27 10.51 22.47
CA GLU C 255 -10.74 11.86 22.22
CA GLU C 255 -10.75 11.86 22.22
C GLU C 255 -9.50 11.86 21.32
N GLN C 256 -8.65 10.85 21.48
CA GLN C 256 -7.47 10.75 20.62
C GLN C 256 -7.85 10.54 19.14
N ILE C 257 -8.86 9.70 18.89
CA ILE C 257 -9.38 9.53 17.54
C ILE C 257 -9.95 10.85 17.03
N ALA C 258 -10.72 11.52 17.87
CA ALA C 258 -11.34 12.79 17.48
C ALA C 258 -10.33 13.90 17.10
N ASP C 259 -9.20 13.91 17.78
CA ASP C 259 -8.11 14.91 17.52
C ASP C 259 -7.69 14.88 16.05
N ALA C 260 -7.65 13.68 15.47
CA ALA C 260 -7.22 13.50 14.08
C ALA C 260 -8.27 13.98 13.08
N VAL C 261 -9.53 13.71 13.44
CA VAL C 261 -10.69 14.23 12.74
C VAL C 261 -10.65 15.77 12.75
N ILE C 262 -10.47 16.34 13.92
CA ILE C 262 -10.38 17.81 14.08
C ILE C 262 -9.29 18.37 13.22
N PHE C 263 -8.09 17.76 13.28
CA PHE C 263 -7.00 18.19 12.40
C PHE C 263 -7.44 18.22 10.93
N LEU C 264 -7.99 17.11 10.46
CA LEU C 264 -8.38 16.98 9.06
C LEU C 264 -9.42 18.02 8.58
N VAL C 265 -10.42 18.34 9.40
CA VAL C 265 -11.42 19.36 9.05
C VAL C 265 -10.90 20.82 9.17
N SER C 266 -9.73 20.98 9.80
CA SER C 266 -9.17 22.31 10.08
C SER C 266 -8.51 22.99 8.88
N GLY C 267 -8.29 24.29 9.01
CA GLY C 267 -7.45 25.06 8.09
C GLY C 267 -6.01 24.57 8.02
N SER C 268 -5.56 23.83 9.02
CA SER C 268 -4.22 23.24 8.97
C SER C 268 -4.08 22.06 8.00
N ALA C 269 -5.21 21.59 7.45
CA ALA C 269 -5.21 20.44 6.52
C ALA C 269 -5.80 20.83 5.18
N GLN C 270 -5.73 22.11 4.81
CA GLN C 270 -6.43 22.53 3.57
C GLN C 270 -5.86 22.04 2.24
N TYR C 271 -4.64 21.52 2.23
CA TYR C 271 -4.11 20.88 1.03
C TYR C 271 -4.21 19.33 1.10
N ILE C 272 -4.76 18.80 2.20
CA ILE C 272 -4.84 17.36 2.42
C ILE C 272 -6.20 16.79 1.94
N THR C 273 -6.15 15.97 0.90
CA THR C 273 -7.31 15.18 0.50
C THR C 273 -6.84 13.81 0.00
N GLY C 274 -7.69 12.80 0.16
CA GLY C 274 -7.32 11.45 -0.19
C GLY C 274 -6.40 10.76 0.82
N SER C 275 -6.19 11.37 2.00
CA SER C 275 -5.27 10.83 2.98
C SER C 275 -6.00 10.13 4.08
N ILE C 276 -5.44 9.00 4.53
CA ILE C 276 -6.00 8.26 5.62
C ILE C 276 -4.93 8.16 6.71
N ILE C 277 -5.24 8.75 7.87
CA ILE C 277 -4.31 8.88 8.95
C ILE C 277 -4.60 7.80 9.95
N LYS C 278 -3.62 6.92 10.16
CA LYS C 278 -3.70 5.90 11.21
C LYS C 278 -3.52 6.54 12.56
N VAL C 279 -4.35 6.14 13.51
CA VAL C 279 -4.24 6.58 14.88
C VAL C 279 -4.30 5.28 15.66
N ASP C 280 -3.17 4.56 15.65
CA ASP C 280 -3.15 3.14 16.05
C ASP C 280 -2.02 2.72 16.97
N GLY C 281 -1.24 3.69 17.47
CA GLY C 281 -0.10 3.40 18.34
C GLY C 281 0.90 2.40 17.80
N GLY C 282 0.97 2.29 16.46
CA GLY C 282 1.87 1.35 15.80
C GLY C 282 1.36 -0.07 15.63
N LEU C 283 0.16 -0.35 16.06
CA LEU C 283 -0.42 -1.72 15.98
C LEU C 283 -0.32 -2.38 14.60
N SER C 284 -0.64 -1.62 13.55
CA SER C 284 -0.64 -2.16 12.19
C SER C 284 0.74 -2.60 11.72
N LEU C 285 1.78 -2.09 12.34
CA LEU C 285 3.16 -2.39 11.98
C LEU C 285 3.68 -3.66 12.65
N VAL C 286 2.91 -4.24 13.57
CA VAL C 286 3.42 -5.36 14.35
C VAL C 286 3.16 -6.67 13.59
N HIS C 287 4.20 -7.48 13.37
CA HIS C 287 3.98 -8.74 12.67
C HIS C 287 3.35 -9.79 13.60
N ALA C 288 2.92 -10.89 12.99
CA ALA C 288 2.39 -12.08 13.66
C ALA C 288 3.30 -12.61 14.75
N GLU D 22 9.83 24.92 31.24
CA GLU D 22 10.73 25.48 30.19
C GLU D 22 10.45 24.87 28.80
N ALA D 23 11.02 25.47 27.76
CA ALA D 23 10.56 25.24 26.41
C ALA D 23 11.24 24.00 25.78
N PRO D 24 10.47 23.21 25.02
CA PRO D 24 11.08 22.08 24.32
C PRO D 24 12.01 22.51 23.19
N ALA D 25 12.78 21.58 22.65
CA ALA D 25 13.75 21.89 21.61
C ALA D 25 13.64 20.93 20.38
N ALA D 26 13.84 21.47 19.18
CA ALA D 26 13.73 20.69 17.95
C ALA D 26 14.92 20.91 17.02
N VAL D 27 15.39 19.83 16.37
CA VAL D 27 16.33 19.93 15.26
C VAL D 27 15.57 19.81 13.97
N VAL D 28 15.87 20.69 13.02
CA VAL D 28 15.30 20.58 11.69
C VAL D 28 16.45 20.56 10.71
N THR D 29 16.57 19.49 9.91
CA THR D 29 17.67 19.42 8.95
C THR D 29 17.22 20.18 7.69
N GLY D 30 18.20 20.67 6.97
CA GLY D 30 17.99 21.47 5.78
C GLY D 30 17.00 22.58 6.03
N ALA D 31 17.20 23.31 7.13
CA ALA D 31 16.19 24.28 7.64
C ALA D 31 16.44 25.73 7.23
N ALA D 32 17.41 25.98 6.36
CA ALA D 32 17.79 27.37 6.03
C ALA D 32 16.77 27.98 5.08
N LYS D 33 16.24 27.13 4.20
CA LYS D 33 15.38 27.58 3.12
C LYS D 33 14.12 26.73 2.98
N ARG D 34 13.18 27.28 2.23
CA ARG D 34 12.06 26.54 1.65
C ARG D 34 11.24 25.81 2.72
N ILE D 35 11.02 24.51 2.55
CA ILE D 35 10.11 23.79 3.42
C ILE D 35 10.74 23.66 4.80
N GLY D 36 12.03 23.33 4.88
CA GLY D 36 12.64 23.15 6.22
C GLY D 36 12.58 24.44 7.04
N ARG D 37 12.76 25.55 6.37
CA ARG D 37 12.66 26.87 7.05
C ARG D 37 11.25 27.11 7.58
N ALA D 38 10.23 26.79 6.80
CA ALA D 38 8.87 27.00 7.24
C ALA D 38 8.54 26.11 8.42
N ILE D 39 9.15 24.91 8.43
CA ILE D 39 8.98 24.00 9.56
C ILE D 39 9.62 24.60 10.82
N ALA D 40 10.84 25.11 10.68
CA ALA D 40 11.57 25.70 11.80
C ALA D 40 10.80 26.89 12.38
N VAL D 41 10.31 27.76 11.49
CA VAL D 41 9.47 28.92 11.88
C VAL D 41 8.22 28.54 12.67
N LYS D 42 7.49 27.52 12.21
CA LYS D 42 6.26 27.14 12.92
C LYS D 42 6.54 26.48 14.21
N LEU D 43 7.57 25.64 14.25
CA LEU D 43 7.98 25.07 15.51
C LEU D 43 8.31 26.20 16.50
N HIS D 44 9.08 27.18 16.04
CA HIS D 44 9.46 28.31 16.90
C HIS D 44 8.25 29.14 17.39
N GLN D 45 7.36 29.49 16.47
CA GLN D 45 6.05 30.08 16.82
C GLN D 45 5.23 29.31 17.82
N THR D 46 5.35 28.00 17.80
CA THR D 46 4.66 27.13 18.73
C THR D 46 5.37 27.09 20.08
N GLY D 47 6.60 27.60 20.14
CA GLY D 47 7.32 27.65 21.42
C GLY D 47 8.59 26.82 21.55
N TYR D 48 9.01 26.15 20.48
CA TYR D 48 10.25 25.39 20.43
C TYR D 48 11.47 26.29 20.29
N ARG D 49 12.52 25.88 20.98
CA ARG D 49 13.84 26.31 20.59
C ARG D 49 14.29 25.42 19.42
N VAL D 50 14.93 26.01 18.39
CA VAL D 50 15.37 25.28 17.21
C VAL D 50 16.86 25.30 16.86
N VAL D 51 17.36 24.11 16.52
CA VAL D 51 18.60 24.01 15.77
C VAL D 51 18.29 24.03 14.29
N ILE D 52 18.80 25.04 13.64
CA ILE D 52 18.69 25.17 12.19
C ILE D 52 19.88 24.53 11.49
N HIS D 53 19.75 23.28 11.04
CA HIS D 53 20.82 22.66 10.31
C HIS D 53 20.86 23.12 8.82
N TYR D 54 22.06 23.20 8.28
CA TYR D 54 22.23 23.59 6.90
C TYR D 54 23.49 22.97 6.39
N HIS D 55 23.67 23.02 5.08
CA HIS D 55 24.83 22.48 4.44
C HIS D 55 25.60 23.59 3.75
N ASN D 56 25.10 24.06 2.61
CA ASN D 56 25.69 25.18 1.89
C ASN D 56 25.07 26.54 2.20
N SER D 57 23.85 26.59 2.69
CA SER D 57 23.13 27.89 2.76
C SER D 57 23.39 28.62 4.07
N ALA D 58 24.66 29.00 4.26
CA ALA D 58 25.11 29.53 5.56
C ALA D 58 24.48 30.89 5.85
N GLU D 59 24.45 31.76 4.85
CA GLU D 59 23.87 33.11 5.00
C GLU D 59 22.40 33.09 5.36
N ALA D 60 21.61 32.29 4.64
CA ALA D 60 20.20 32.11 4.94
C ALA D 60 19.96 31.50 6.33
N ALA D 61 20.77 30.51 6.69
CA ALA D 61 20.64 29.91 8.00
C ALA D 61 20.85 30.95 9.11
N VAL D 62 21.96 31.69 9.03
CA VAL D 62 22.33 32.70 10.05
C VAL D 62 21.24 33.79 10.14
N SER D 63 20.74 34.20 8.98
CA SER D 63 19.69 35.20 8.94
C SER D 63 18.37 34.71 9.57
N LEU D 64 17.99 33.47 9.31
CA LEU D 64 16.86 32.89 10.00
C LEU D 64 17.06 32.79 11.54
N ALA D 65 18.21 32.30 12.00
CA ALA D 65 18.46 32.28 13.45
C ALA D 65 18.34 33.71 14.02
N ASP D 66 18.91 34.70 13.32
CA ASP D 66 18.78 36.09 13.78
CA ASP D 66 18.78 36.12 13.70
C ASP D 66 17.31 36.53 13.89
N GLU D 67 16.53 36.32 12.84
CA GLU D 67 15.10 36.62 12.87
C GLU D 67 14.44 35.95 14.04
N LEU D 68 14.70 34.67 14.26
CA LEU D 68 14.02 33.95 15.35
C LEU D 68 14.47 34.41 16.73
N ASN D 69 15.76 34.67 16.89
CA ASN D 69 16.30 35.15 18.19
C ASN D 69 15.84 36.58 18.52
N LYS D 70 15.62 37.40 17.48
CA LYS D 70 14.98 38.70 17.66
C LYS D 70 13.61 38.55 18.26
N GLU D 71 12.89 37.48 17.91
CA GLU D 71 11.56 37.27 18.48
C GLU D 71 11.63 36.77 19.95
N ARG D 72 12.51 35.82 20.23
CA ARG D 72 12.73 35.32 21.59
C ARG D 72 14.20 34.99 21.72
N SER D 73 14.89 35.65 22.65
CA SER D 73 16.35 35.58 22.74
C SER D 73 16.81 34.18 23.06
N ASN D 74 17.92 33.74 22.46
CA ASN D 74 18.51 32.45 22.84
C ASN D 74 17.57 31.26 22.56
N THR D 75 16.92 31.30 21.42
CA THR D 75 15.98 30.19 21.07
C THR D 75 16.31 29.51 19.74
N ALA D 76 17.43 29.89 19.14
CA ALA D 76 17.81 29.37 17.83
C ALA D 76 19.31 29.38 17.65
N VAL D 77 19.84 28.25 17.15
CA VAL D 77 21.24 28.18 16.71
C VAL D 77 21.30 27.51 15.34
N VAL D 78 22.37 27.80 14.58
CA VAL D 78 22.66 27.09 13.34
C VAL D 78 23.67 25.95 13.61
N CYS D 79 23.66 24.95 12.72
CA CYS D 79 24.57 23.79 12.83
C CYS D 79 24.84 23.30 11.42
N GLN D 80 26.09 23.43 10.98
CA GLN D 80 26.49 23.08 9.62
C GLN D 80 26.89 21.60 9.52
N ALA D 81 26.40 20.91 8.48
CA ALA D 81 26.86 19.53 8.18
C ALA D 81 26.49 19.02 6.82
N ASP D 82 27.43 18.30 6.23
CA ASP D 82 27.21 17.58 5.01
C ASP D 82 26.59 16.26 5.46
N LEU D 83 25.45 15.93 4.88
CA LEU D 83 24.74 14.66 5.22
C LEU D 83 24.90 13.55 4.15
N THR D 84 25.80 13.79 3.20
CA THR D 84 26.33 12.76 2.30
C THR D 84 26.84 11.56 3.06
N ASN D 85 26.57 10.37 2.55
CA ASN D 85 27.02 9.17 3.26
C ASN D 85 28.57 9.10 3.16
N SER D 86 29.21 8.71 4.25
CA SER D 86 30.65 8.53 4.35
C SER D 86 30.87 7.91 5.71
N ASN D 87 32.13 7.53 5.96
CA ASN D 87 32.48 6.93 7.22
C ASN D 87 32.44 7.90 8.40
N VAL D 88 32.35 9.20 8.13
CA VAL D 88 32.19 10.20 9.23
C VAL D 88 30.74 10.68 9.41
N LEU D 89 29.81 10.23 8.56
CA LEU D 89 28.41 10.65 8.71
C LEU D 89 27.88 10.38 10.13
N PRO D 90 28.23 9.22 10.71
CA PRO D 90 27.70 8.99 12.09
C PRO D 90 28.13 10.07 13.06
N ALA D 91 29.37 10.51 12.92
CA ALA D 91 29.92 11.50 13.78
C ALA D 91 29.24 12.79 13.50
N SER D 92 28.98 13.12 12.23
CA SER D 92 28.30 14.36 11.92
C SER D 92 26.89 14.39 12.49
N CYS D 93 26.23 13.22 12.42
CA CYS D 93 24.83 13.12 12.85
C CYS D 93 24.78 13.18 14.37
N GLU D 94 25.70 12.50 15.04
CA GLU D 94 25.81 12.65 16.49
C GLU D 94 26.05 14.09 16.89
N GLU D 95 26.81 14.84 16.06
CA GLU D 95 27.16 16.23 16.39
C GLU D 95 25.98 17.15 16.27
N ILE D 96 25.12 16.91 15.29
CA ILE D 96 23.89 17.69 15.13
C ILE D 96 23.01 17.58 16.40
N ILE D 97 22.80 16.35 16.86
CA ILE D 97 22.02 16.14 18.07
C ILE D 97 22.74 16.75 19.29
N ASN D 98 24.06 16.52 19.37
CA ASN D 98 24.89 17.12 20.41
C ASN D 98 24.75 18.62 20.49
N SER D 99 24.66 19.27 19.33
CA SER D 99 24.45 20.72 19.23
C SER D 99 23.13 21.23 19.80
N CYS D 100 22.08 20.39 19.72
CA CYS D 100 20.80 20.70 20.40
C CYS D 100 20.97 20.64 21.91
N PHE D 101 21.58 19.60 22.43
CA PHE D 101 21.80 19.52 23.90
C PHE D 101 22.73 20.65 24.43
N ARG D 102 23.77 20.97 23.68
CA ARG D 102 24.71 22.03 24.06
C ARG D 102 24.01 23.38 24.16
N ALA D 103 23.25 23.75 23.13
CA ALA D 103 22.50 25.02 23.14
C ALA D 103 21.33 25.04 24.15
N PHE D 104 20.54 23.97 24.21
CA PHE D 104 19.23 23.99 24.92
C PHE D 104 19.07 23.01 26.04
N GLY D 105 20.04 22.13 26.25
CA GLY D 105 19.96 21.16 27.35
C GLY D 105 18.99 20.02 27.07
N ARG D 106 18.41 19.96 25.87
CA ARG D 106 17.42 18.91 25.56
C ARG D 106 17.19 18.82 24.07
N CYS D 107 16.58 17.71 23.64
CA CYS D 107 16.19 17.54 22.23
C CYS D 107 14.89 16.76 22.15
N ASP D 108 13.81 17.46 21.83
CA ASP D 108 12.48 16.87 21.94
C ASP D 108 11.94 16.34 20.61
N VAL D 109 12.34 17.03 19.56
CA VAL D 109 11.82 16.80 18.22
C VAL D 109 13.00 16.75 17.22
N LEU D 110 12.98 15.75 16.32
CA LEU D 110 13.85 15.71 15.16
C LEU D 110 12.99 15.69 13.89
N VAL D 111 13.23 16.65 12.99
CA VAL D 111 12.58 16.69 11.66
C VAL D 111 13.65 16.42 10.60
N ASN D 112 13.52 15.27 9.94
CA ASN D 112 14.43 14.91 8.85
C ASN D 112 13.91 15.37 7.50
N ASN D 113 14.39 16.54 7.10
CA ASN D 113 13.92 17.29 5.96
C ASN D 113 14.97 17.42 4.86
N ALA D 114 16.25 17.55 5.23
CA ALA D 114 17.34 17.66 4.24
C ALA D 114 17.34 16.54 3.23
N SER D 115 17.55 16.92 1.97
CA SER D 115 17.38 15.96 0.91
C SER D 115 18.04 16.44 -0.38
N ALA D 116 18.91 15.58 -0.93
CA ALA D 116 19.42 15.70 -2.30
C ALA D 116 18.41 15.15 -3.27
N PHE D 117 18.36 15.75 -4.46
CA PHE D 117 17.33 15.44 -5.43
C PHE D 117 17.84 15.78 -6.82
N TYR D 118 18.03 14.76 -7.67
CA TYR D 118 18.44 14.95 -9.05
C TYR D 118 18.34 13.57 -9.74
N PRO D 119 18.25 13.58 -11.07
CA PRO D 119 18.12 12.33 -11.82
C PRO D 119 19.39 11.49 -11.83
N THR D 120 19.22 10.16 -11.91
CA THR D 120 20.31 9.18 -12.04
C THR D 120 19.86 8.11 -13.02
N PRO D 121 19.96 8.41 -14.33
CA PRO D 121 19.37 7.48 -15.31
C PRO D 121 20.09 6.14 -15.30
N LEU D 122 19.35 5.08 -15.53
CA LEU D 122 19.92 3.73 -15.52
C LEU D 122 20.82 3.45 -16.74
N VAL D 123 20.52 4.11 -17.87
CA VAL D 123 21.21 3.86 -19.16
C VAL D 123 21.86 5.12 -19.69
N GLY D 133 28.75 15.77 -13.67
CA GLY D 133 29.87 14.86 -13.81
C GLY D 133 30.21 14.10 -12.53
N LYS D 134 29.23 13.94 -11.63
CA LYS D 134 29.46 13.18 -10.39
C LYS D 134 29.59 11.71 -10.69
N THR D 135 30.41 11.01 -9.92
CA THR D 135 30.52 9.57 -10.10
C THR D 135 29.23 8.93 -9.60
N VAL D 136 28.98 7.70 -10.04
CA VAL D 136 27.78 7.02 -9.57
C VAL D 136 27.89 6.78 -8.04
N GLU D 137 29.08 6.51 -7.49
CA GLU D 137 29.15 6.27 -6.04
C GLU D 137 28.94 7.56 -5.23
N THR D 138 29.23 8.73 -5.82
CA THR D 138 28.93 10.04 -5.20
C THR D 138 27.42 10.29 -5.19
N GLN D 139 26.75 9.92 -6.26
CA GLN D 139 25.32 10.03 -6.36
C GLN D 139 24.64 9.12 -5.34
N VAL D 140 25.16 7.92 -5.17
CA VAL D 140 24.64 6.99 -4.17
C VAL D 140 24.81 7.64 -2.80
N ALA D 141 26.02 8.09 -2.52
CA ALA D 141 26.30 8.66 -1.19
C ALA D 141 25.43 9.87 -0.90
N GLU D 142 25.22 10.73 -1.88
CA GLU D 142 24.42 11.91 -1.68
C GLU D 142 22.92 11.62 -1.52
N LEU D 143 22.37 10.95 -2.54
CA LEU D 143 20.94 10.69 -2.61
C LEU D 143 20.48 9.70 -1.52
N ILE D 144 21.25 8.66 -1.24
CA ILE D 144 20.88 7.70 -0.20
C ILE D 144 21.28 8.15 1.20
N GLY D 145 22.39 8.86 1.29
CA GLY D 145 22.83 9.44 2.58
C GLY D 145 21.84 10.42 3.12
N THR D 146 21.48 11.42 2.30
CA THR D 146 20.61 12.50 2.77
C THR D 146 19.23 12.02 3.05
N ASN D 147 18.72 11.21 2.12
CA ASN D 147 17.31 10.86 2.16
C ASN D 147 17.06 9.68 3.07
N ALA D 148 18.09 8.93 3.45
CA ALA D 148 17.90 7.75 4.28
C ALA D 148 18.92 7.45 5.38
N ILE D 149 20.21 7.43 5.03
CA ILE D 149 21.21 7.02 6.02
C ILE D 149 21.34 8.04 7.16
N ALA D 150 21.34 9.31 6.79
CA ALA D 150 21.46 10.37 7.78
C ALA D 150 20.23 10.38 8.69
N PRO D 151 19.03 10.25 8.08
CA PRO D 151 17.87 10.10 8.98
C PRO D 151 18.00 8.95 10.00
N PHE D 152 18.55 7.84 9.56
CA PHE D 152 18.74 6.66 10.42
C PHE D 152 19.74 6.97 11.54
N LEU D 153 20.86 7.59 11.17
CA LEU D 153 21.93 7.92 12.13
C LEU D 153 21.50 8.98 13.12
N LEU D 154 20.74 9.92 12.60
CA LEU D 154 20.16 10.98 13.43
C LEU D 154 19.13 10.46 14.43
N THR D 155 18.35 9.49 13.99
CA THR D 155 17.39 8.81 14.80
C THR D 155 18.09 8.05 15.90
N MET D 156 19.15 7.32 15.52
CA MET D 156 20.01 6.61 16.47
CA MET D 156 19.99 6.61 16.48
C MET D 156 20.50 7.54 17.56
N SER D 157 21.16 8.61 17.16
CA SER D 157 21.74 9.56 18.11
C SER D 157 20.67 10.23 18.97
N PHE D 158 19.55 10.64 18.36
CA PHE D 158 18.40 11.22 19.08
C PHE D 158 17.92 10.28 20.20
N ALA D 159 17.73 9.02 19.86
CA ALA D 159 17.22 8.02 20.80
C ALA D 159 18.22 7.73 21.92
N GLN D 160 19.50 7.64 21.56
CA GLN D 160 20.52 7.31 22.55
C GLN D 160 20.71 8.44 23.53
N ARG D 161 20.62 9.68 23.07
CA ARG D 161 20.86 10.84 23.93
C ARG D 161 19.73 11.16 24.90
N GLN D 162 18.59 10.51 24.77
CA GLN D 162 17.48 10.81 25.69
C GLN D 162 17.85 10.54 27.14
N LYS D 163 17.40 11.45 28.00
CA LYS D 163 17.96 11.70 29.33
C LYS D 163 17.27 10.85 30.40
N SER D 172 6.58 15.14 28.73
CA SER D 172 7.46 15.12 27.58
C SER D 172 6.76 14.47 26.38
N ASN D 173 7.02 15.01 25.20
CA ASN D 173 6.39 14.56 23.99
C ASN D 173 7.45 14.51 22.91
N LEU D 174 8.16 13.40 22.89
CA LEU D 174 9.31 13.21 22.01
C LEU D 174 8.80 12.61 20.71
N SER D 175 9.19 13.19 19.58
CA SER D 175 8.85 12.57 18.29
C SER D 175 9.79 12.95 17.16
N ILE D 176 9.77 12.13 16.12
CA ILE D 176 10.53 12.36 14.92
C ILE D 176 9.55 12.48 13.75
N VAL D 177 9.82 13.41 12.85
CA VAL D 177 9.02 13.52 11.65
C VAL D 177 9.97 13.49 10.45
N ASN D 178 9.73 12.53 9.56
CA ASN D 178 10.48 12.38 8.33
C ASN D 178 9.76 12.92 7.14
N LEU D 179 10.45 13.70 6.34
CA LEU D 179 9.86 14.25 5.11
C LEU D 179 10.03 13.22 4.01
N CYS D 180 8.95 12.56 3.67
CA CYS D 180 8.89 11.45 2.72
C CYS D 180 8.47 12.02 1.38
N ASP D 181 7.69 11.29 0.56
CA ASP D 181 7.33 11.74 -0.78
C ASP D 181 6.05 11.02 -1.20
N ALA D 182 4.98 11.78 -1.44
CA ALA D 182 3.67 11.17 -1.81
C ALA D 182 3.70 10.34 -3.09
N MET D 183 4.68 10.58 -3.94
CA MET D 183 4.78 9.89 -5.22
CA MET D 183 4.81 9.91 -5.24
C MET D 183 5.74 8.71 -5.20
N VAL D 184 6.02 8.18 -4.02
CA VAL D 184 7.00 7.13 -3.88
C VAL D 184 6.61 5.83 -4.63
N ASP D 185 5.32 5.58 -4.84
CA ASP D 185 4.95 4.41 -5.61
C ASP D 185 4.53 4.72 -7.02
N GLN D 186 4.80 5.96 -7.45
CA GLN D 186 4.61 6.40 -8.83
C GLN D 186 5.80 7.31 -9.18
N PRO D 187 6.98 6.70 -9.23
CA PRO D 187 8.22 7.42 -9.29
C PRO D 187 8.40 8.15 -10.62
N CYS D 188 9.11 9.28 -10.59
CA CYS D 188 9.52 9.96 -11.81
C CYS D 188 10.61 9.24 -12.53
N MET D 189 10.53 9.34 -13.85
CA MET D 189 11.43 8.68 -14.74
C MET D 189 12.88 9.11 -14.49
N ALA D 190 13.79 8.14 -14.35
CA ALA D 190 15.23 8.42 -14.17
C ALA D 190 15.63 8.92 -12.78
N PHE D 191 14.75 8.80 -11.79
CA PHE D 191 15.07 9.16 -10.43
C PHE D 191 15.20 7.95 -9.49
N SER D 192 15.81 6.85 -9.95
CA SER D 192 15.91 5.60 -9.19
C SER D 192 16.51 5.76 -7.79
N LEU D 193 17.70 6.35 -7.74
CA LEU D 193 18.41 6.45 -6.45
C LEU D 193 17.62 7.34 -5.49
N TYR D 194 17.09 8.46 -5.98
CA TYR D 194 16.24 9.30 -5.13
C TYR D 194 15.04 8.54 -4.56
N ASN D 195 14.39 7.77 -5.45
CA ASN D 195 13.17 7.06 -5.06
C ASN D 195 13.53 5.95 -4.07
N MET D 196 14.67 5.31 -4.31
CA MET D 196 15.15 4.30 -3.40
C MET D 196 15.39 4.88 -2.00
N GLY D 197 16.01 6.05 -1.95
CA GLY D 197 16.20 6.78 -0.69
C GLY D 197 14.90 7.07 0.02
N LYS D 198 13.91 7.60 -0.69
CA LYS D 198 12.61 7.88 -0.10
C LYS D 198 11.87 6.62 0.35
N HIS D 199 12.03 5.51 -0.39
CA HIS D 199 11.47 4.24 0.03
C HIS D 199 12.09 3.71 1.32
N ALA D 200 13.42 3.77 1.40
CA ALA D 200 14.12 3.41 2.64
C ALA D 200 13.67 4.28 3.82
N LEU D 201 13.39 5.55 3.53
CA LEU D 201 12.88 6.47 4.57
C LEU D 201 11.51 6.05 5.14
N VAL D 202 10.64 5.52 4.28
CA VAL D 202 9.36 4.89 4.70
C VAL D 202 9.68 3.74 5.65
N GLY D 203 10.58 2.83 5.22
CA GLY D 203 10.97 1.67 6.07
C GLY D 203 11.54 2.13 7.39
N LEU D 204 12.42 3.11 7.38
CA LEU D 204 12.96 3.64 8.66
C LEU D 204 11.85 4.17 9.58
N THR D 205 10.95 4.96 9.02
CA THR D 205 9.79 5.52 9.75
C THR D 205 9.01 4.41 10.48
N GLN D 206 8.73 3.31 9.77
CA GLN D 206 7.96 2.22 10.34
C GLN D 206 8.80 1.43 11.36
N SER D 207 10.05 1.10 10.98
CA SER D 207 10.98 0.36 11.85
C SER D 207 11.24 1.10 13.15
N ALA D 208 11.59 2.37 13.03
CA ALA D 208 11.87 3.18 14.21
C ALA D 208 10.64 3.47 15.09
N ALA D 209 9.46 3.59 14.46
CA ALA D 209 8.19 3.74 15.22
C ALA D 209 8.01 2.55 16.18
N LEU D 210 8.16 1.37 15.62
CA LEU D 210 8.10 0.14 16.35
C LEU D 210 9.16 0.07 17.45
N GLU D 211 10.41 0.25 17.08
CA GLU D 211 11.49 0.02 18.01
C GLU D 211 11.59 1.08 19.10
N LEU D 212 11.26 2.33 18.78
CA LEU D 212 11.30 3.40 19.76
C LEU D 212 10.01 3.63 20.60
N ALA D 213 8.93 2.94 20.24
CA ALA D 213 7.69 3.03 21.00
C ALA D 213 7.88 2.76 22.51
N PRO D 214 8.71 1.78 22.90
CA PRO D 214 8.88 1.54 24.36
C PRO D 214 9.54 2.67 25.10
N TYR D 215 10.17 3.62 24.40
CA TYR D 215 10.72 4.84 24.99
C TYR D 215 9.83 6.08 24.88
N GLY D 216 8.61 5.89 24.39
CA GLY D 216 7.68 6.99 24.24
C GLY D 216 8.09 7.96 23.13
N ILE D 217 8.93 7.54 22.21
CA ILE D 217 9.28 8.38 21.08
C ILE D 217 8.40 7.96 19.91
N ARG D 218 7.66 8.90 19.33
CA ARG D 218 6.82 8.65 18.16
C ARG D 218 7.62 8.99 16.89
N VAL D 219 7.37 8.25 15.81
CA VAL D 219 8.05 8.44 14.53
C VAL D 219 7.04 8.44 13.39
N ASN D 220 6.97 9.52 12.66
CA ASN D 220 5.93 9.64 11.66
C ASN D 220 6.50 10.33 10.46
N GLY D 221 5.70 10.48 9.42
CA GLY D 221 6.18 11.11 8.20
C GLY D 221 5.14 12.06 7.65
N VAL D 222 5.63 13.01 6.83
CA VAL D 222 4.78 13.89 6.08
C VAL D 222 5.27 13.75 4.65
N ALA D 223 4.34 13.54 3.71
CA ALA D 223 4.70 13.21 2.34
C ALA D 223 4.11 14.23 1.38
N PRO D 224 4.92 15.21 0.98
CA PRO D 224 4.44 16.23 0.03
C PRO D 224 4.25 15.63 -1.34
N GLY D 225 3.39 16.25 -2.16
CA GLY D 225 3.31 15.91 -3.57
C GLY D 225 4.08 16.92 -4.46
N VAL D 226 3.44 18.02 -4.83
CA VAL D 226 4.12 19.13 -5.52
C VAL D 226 4.08 20.27 -4.52
N SER D 227 5.24 20.78 -4.09
CA SER D 227 5.31 21.88 -3.13
CA SER D 227 5.32 21.86 -3.11
C SER D 227 6.40 22.91 -3.45
N LEU D 228 6.06 24.19 -3.32
CA LEU D 228 7.01 25.30 -3.43
C LEU D 228 8.07 25.05 -4.50
N LEU D 229 7.63 25.00 -5.74
CA LEU D 229 8.57 24.78 -6.85
C LEU D 229 9.50 25.98 -7.00
N PRO D 230 10.78 25.70 -7.25
CA PRO D 230 11.77 26.73 -7.05
C PRO D 230 12.04 27.54 -8.30
N VAL D 231 12.59 28.71 -8.09
N VAL D 231 12.83 28.59 -8.16
CA VAL D 231 13.21 29.44 -9.14
CA VAL D 231 13.09 29.59 -9.22
C VAL D 231 14.38 28.57 -9.62
C VAL D 231 13.24 29.13 -10.70
N ALA D 232 14.34 28.30 -10.91
N ALA D 232 14.04 28.15 -11.13
CA ALA D 232 13.28 28.93 -11.65
CA ALA D 232 15.30 27.61 -10.60
C ALA D 232 12.92 28.23 -12.94
C ALA D 232 15.17 26.33 -11.38
N MET D 233 12.40 26.99 -12.84
N MET D 233 13.97 25.78 -11.26
CA MET D 233 12.00 26.22 -14.03
CA MET D 233 13.47 24.69 -12.06
C MET D 233 10.94 27.02 -14.78
C MET D 233 12.63 25.31 -13.19
N GLY D 234 10.77 26.75 -16.06
N GLY D 234 12.68 24.74 -14.41
CA GLY D 234 9.88 27.56 -16.90
CA GLY D 234 11.98 25.29 -15.58
C GLY D 234 8.46 27.62 -16.36
C GLY D 234 10.54 25.78 -15.35
N GLU D 235 7.69 28.61 -16.81
N GLU D 235 10.11 26.72 -16.17
CA GLU D 235 6.26 28.62 -16.50
CA GLU D 235 8.81 27.39 -16.00
C GLU D 235 5.69 27.32 -17.06
C GLU D 235 7.56 26.66 -16.55
N GLU D 236 6.39 26.77 -18.06
N GLU D 236 7.56 26.28 -17.83
CA GLU D 236 6.09 25.48 -18.70
CA GLU D 236 6.34 25.69 -18.45
C GLU D 236 6.02 24.29 -17.73
C GLU D 236 6.09 24.35 -17.76
N GLU D 237 7.17 23.86 -17.20
CA GLU D 237 7.26 22.65 -16.39
C GLU D 237 6.59 22.76 -14.99
N LYS D 238 6.63 23.96 -14.41
CA LYS D 238 5.92 24.26 -13.17
C LYS D 238 4.45 24.15 -13.41
N ASP D 239 4.01 24.70 -14.53
CA ASP D 239 2.61 24.68 -14.85
C ASP D 239 2.18 23.25 -15.12
N LYS D 240 3.05 22.49 -15.77
CA LYS D 240 2.75 21.11 -16.07
C LYS D 240 2.48 20.32 -14.76
N TRP D 241 3.28 20.55 -13.72
CA TRP D 241 3.12 19.86 -12.43
C TRP D 241 1.96 20.39 -11.59
N ARG D 242 1.76 21.71 -11.64
CA ARG D 242 0.63 22.31 -10.92
C ARG D 242 -0.71 21.82 -11.46
N ARG D 243 -0.80 21.70 -12.77
CA ARG D 243 -1.98 21.18 -13.44
C ARG D 243 -2.39 19.75 -13.13
N LYS D 244 -1.46 18.96 -12.61
CA LYS D 244 -1.75 17.57 -12.23
C LYS D 244 -2.55 17.50 -10.92
N VAL D 245 -2.50 18.56 -10.11
CA VAL D 245 -3.06 18.52 -8.75
C VAL D 245 -4.58 18.75 -8.76
N PRO D 246 -5.35 17.70 -8.39
CA PRO D 246 -6.81 17.87 -8.34
C PRO D 246 -7.30 18.98 -7.41
N LEU D 247 -6.73 19.11 -6.21
CA LEU D 247 -7.21 20.09 -5.26
C LEU D 247 -6.60 21.46 -5.56
N GLY D 248 -7.23 22.19 -6.48
CA GLY D 248 -6.84 23.54 -6.77
C GLY D 248 -5.87 23.78 -7.91
N ARG D 249 -5.33 22.73 -8.52
CA ARG D 249 -4.37 22.87 -9.60
C ARG D 249 -3.22 23.78 -9.23
N ARG D 250 -2.72 23.58 -8.00
CA ARG D 250 -1.62 24.34 -7.47
C ARG D 250 -0.76 23.46 -6.55
N GLU D 251 0.47 23.96 -6.32
CA GLU D 251 1.45 23.35 -5.43
C GLU D 251 1.09 23.62 -3.96
N ALA D 252 1.63 22.84 -3.03
CA ALA D 252 1.49 23.20 -1.63
C ALA D 252 2.46 24.33 -1.34
N SER D 253 2.03 25.26 -0.49
CA SER D 253 2.91 26.19 0.18
C SER D 253 3.76 25.43 1.19
N ALA D 254 4.92 25.98 1.51
CA ALA D 254 5.80 25.44 2.54
C ALA D 254 5.07 25.33 3.89
N GLU D 255 4.21 26.32 4.13
CA GLU D 255 3.49 26.44 5.40
C GLU D 255 2.48 25.32 5.51
N GLN D 256 1.88 24.95 4.38
CA GLN D 256 0.94 23.83 4.39
C GLN D 256 1.65 22.53 4.77
N ILE D 257 2.84 22.31 4.21
CA ILE D 257 3.65 21.17 4.61
C ILE D 257 4.00 21.23 6.11
N ALA D 258 4.48 22.39 6.57
CA ALA D 258 4.76 22.59 8.01
C ALA D 258 3.57 22.32 8.92
N ASP D 259 2.37 22.71 8.48
CA ASP D 259 1.16 22.49 9.33
C ASP D 259 1.03 21.00 9.72
N ALA D 260 1.32 20.11 8.79
CA ALA D 260 1.17 18.69 9.06
C ALA D 260 2.28 18.23 10.01
N VAL D 261 3.48 18.77 9.86
CA VAL D 261 4.57 18.48 10.82
C VAL D 261 4.22 18.90 12.26
N ILE D 262 3.76 20.15 12.39
CA ILE D 262 3.20 20.71 13.62
C ILE D 262 2.13 19.82 14.26
N PHE D 263 1.17 19.36 13.47
CA PHE D 263 0.22 18.41 14.02
C PHE D 263 0.87 17.16 14.58
N LEU D 264 1.79 16.56 13.84
CA LEU D 264 2.39 15.29 14.29
C LEU D 264 3.22 15.38 15.57
N VAL D 265 3.86 16.53 15.77
CA VAL D 265 4.66 16.70 17.00
C VAL D 265 3.77 17.14 18.19
N SER D 266 2.52 17.58 17.91
CA SER D 266 1.63 18.15 18.94
C SER D 266 1.06 17.10 19.86
N GLY D 267 0.50 17.56 20.98
CA GLY D 267 -0.22 16.71 21.92
C GLY D 267 -1.49 16.11 21.34
N SER D 268 -1.91 16.62 20.19
CA SER D 268 -3.08 16.12 19.47
C SER D 268 -2.78 14.85 18.67
N ALA D 269 -1.50 14.45 18.60
CA ALA D 269 -1.07 13.27 17.88
C ALA D 269 -0.38 12.28 18.78
N GLN D 270 -0.68 12.28 20.08
CA GLN D 270 0.02 11.41 21.02
C GLN D 270 -0.15 9.91 20.80
N TYR D 271 -1.20 9.47 20.13
CA TYR D 271 -1.36 8.03 19.88
C TYR D 271 -0.88 7.67 18.45
N ILE D 272 -0.37 8.67 17.72
CA ILE D 272 0.01 8.47 16.34
C ILE D 272 1.49 8.17 16.25
N THR D 273 1.81 6.99 15.73
CA THR D 273 3.18 6.63 15.45
C THR D 273 3.19 5.63 14.30
N GLY D 274 4.18 5.79 13.43
CA GLY D 274 4.31 4.99 12.23
C GLY D 274 3.41 5.45 11.12
N SER D 275 2.84 6.64 11.21
CA SER D 275 1.90 7.13 10.17
C SER D 275 2.57 8.13 9.24
N ILE D 276 2.20 8.11 7.97
CA ILE D 276 2.75 9.02 7.01
C ILE D 276 1.58 9.71 6.31
N ILE D 277 1.51 11.01 6.53
CA ILE D 277 0.42 11.82 6.09
C ILE D 277 0.80 12.44 4.77
N LYS D 278 0.05 12.12 3.72
CA LYS D 278 0.19 12.77 2.44
C LYS D 278 -0.37 14.16 2.53
N VAL D 279 0.38 15.12 2.00
CA VAL D 279 -0.06 16.50 1.87
C VAL D 279 0.17 16.85 0.40
N ASP D 280 -0.72 16.34 -0.45
CA ASP D 280 -0.47 16.27 -1.87
C ASP D 280 -1.64 16.71 -2.76
N GLY D 281 -2.67 17.30 -2.14
CA GLY D 281 -3.92 17.68 -2.82
C GLY D 281 -4.49 16.62 -3.74
N GLY D 282 -4.32 15.34 -3.37
CA GLY D 282 -4.80 14.22 -4.19
C GLY D 282 -3.97 13.80 -5.37
N LEU D 283 -2.78 14.38 -5.55
CA LEU D 283 -1.91 14.02 -6.70
C LEU D 283 -1.63 12.50 -6.90
N SER D 284 -1.37 11.80 -5.81
CA SER D 284 -0.99 10.40 -5.87
C SER D 284 -2.18 9.52 -6.22
N LEU D 285 -3.39 10.05 -6.20
CA LEU D 285 -4.56 9.28 -6.60
C LEU D 285 -4.84 9.35 -8.09
N VAL D 286 -4.12 10.22 -8.78
CA VAL D 286 -4.37 10.49 -10.20
C VAL D 286 -3.67 9.43 -11.06
N HIS D 287 -4.45 8.65 -11.83
CA HIS D 287 -3.87 7.68 -12.78
C HIS D 287 -3.15 8.35 -13.97
N ALA D 288 -2.42 7.54 -14.71
CA ALA D 288 -1.75 7.89 -15.96
C ALA D 288 -2.70 8.53 -16.96
PA NAP E . -16.78 -7.76 -18.60
O1A NAP E . -16.79 -8.22 -20.01
O2A NAP E . -17.20 -6.34 -18.32
O5B NAP E . -17.65 -8.73 -17.69
C5B NAP E . -17.41 -10.12 -17.71
C4B NAP E . -18.75 -10.78 -17.53
O4B NAP E . -19.35 -10.39 -16.28
C3B NAP E . -19.79 -10.40 -18.60
O3B NAP E . -19.55 -11.16 -19.78
C2B NAP E . -21.12 -10.72 -17.89
O2B NAP E . -21.76 -11.94 -18.32
C1B NAP E . -20.70 -10.80 -16.37
N9A NAP E . -21.68 -9.98 -15.64
C8A NAP E . -21.88 -8.65 -15.72
N7A NAP E . -22.94 -8.30 -14.94
C5A NAP E . -23.44 -9.45 -14.41
C6A NAP E . -24.53 -9.83 -13.48
N6A NAP E . -25.36 -8.89 -12.99
N1A NAP E . -24.70 -11.11 -13.17
C2A NAP E . -23.86 -12.08 -13.64
N3A NAP E . -22.84 -11.82 -14.46
C4A NAP E . -22.61 -10.55 -14.88
O3 NAP E . -15.31 -8.01 -17.99
PN NAP E . -13.84 -8.05 -18.71
O1N NAP E . -13.70 -9.34 -19.46
O2N NAP E . -13.62 -6.71 -19.34
O5D NAP E . -12.95 -8.21 -17.35
C5D NAP E . -12.85 -9.43 -16.60
C4D NAP E . -12.43 -9.12 -15.17
O4D NAP E . -11.22 -8.39 -15.22
C3D NAP E . -13.49 -8.28 -14.47
O3D NAP E . -13.70 -8.75 -13.14
C2D NAP E . -12.88 -6.89 -14.58
O2D NAP E . -13.37 -5.99 -13.61
C1D NAP E . -11.39 -7.15 -14.55
N1N NAP E . -10.68 -6.05 -15.21
C2N NAP E . -10.80 -5.87 -16.56
C3N NAP E . -10.16 -4.82 -17.16
C7N NAP E . -10.25 -4.57 -18.64
O7N NAP E . -9.48 -3.72 -19.10
N7N NAP E . -11.14 -5.25 -19.37
C4N NAP E . -9.43 -3.93 -16.38
C5N NAP E . -9.33 -4.11 -14.99
C6N NAP E . -9.95 -5.20 -14.45
P2B NAP E . -22.79 -12.02 -19.56
O1X NAP E . -24.05 -11.27 -19.24
O2X NAP E . -23.07 -13.50 -19.72
O3X NAP E . -22.01 -11.41 -20.73
N1 W8G F . -15.47 -4.57 -17.43
N1 W8G F . -15.60 -4.53 -17.34
C2 W8G F . -15.32 -4.82 -16.11
C2 W8G F . -15.47 -4.83 -16.04
N3 W8G F . -14.35 -4.24 -15.40
N3 W8G F . -14.53 -4.24 -15.29
C4 W8G F . -13.49 -3.41 -16.00
C4 W8G F . -13.66 -3.39 -15.83
C5 W8G F . -13.62 -3.14 -17.37
C5 W8G F . -13.76 -3.08 -17.19
C6 W8G F . -14.64 -3.76 -18.08
C6 W8G F . -14.77 -3.68 -17.94
NAA W8G F . -16.18 -5.65 -15.53
NAA W8G F . -16.35 -5.67 -15.50
CAB W8G F . -11.94 -2.03 -16.59
CAB W8G F . -12.11 -1.97 -16.33
CAC W8G F . -12.64 -2.29 -17.70
CAC W8G F . -12.79 -2.21 -17.47
CAD W8G F . -17.11 -3.17 -20.27
CAD W8G F . -16.50 -4.31 -21.00
CAE W8G F . -14.91 -1.30 -20.14
CAE W8G F . -14.17 -2.79 -21.57
CAF W8G F . -15.98 -4.19 -20.19
CAF W8G F . -16.33 -3.33 -19.84
CAG W8G F . -14.08 -2.54 -20.25
CAG W8G F . -13.76 -3.32 -20.21
NAJ W8G F . -12.45 -2.70 -15.56
NAJ W8G F . -12.65 -2.69 -15.34
SAK W8G F . -16.60 -1.49 -20.82
SAK W8G F . -15.45 -3.79 -22.39
NAP W8G F . -14.87 -3.54 -19.48
NAP W8G F . -14.96 -3.44 -19.31
N1 W8G G . -9.38 0.48 -16.61
C2 W8G G . -9.33 0.15 -15.30
N3 W8G G . -10.20 0.62 -14.40
C4 W8G G . -11.16 1.48 -14.85
C5 W8G G . -11.24 1.87 -16.17
C6 W8G G . -10.33 1.36 -17.07
NAA W8G G . -8.41 -0.68 -14.90
CAB W8G G . -12.84 2.88 -15.10
CAC W8G G . -12.27 2.71 -16.30
CAD W8G G . -9.95 -0.21 -19.79
CAE W8G G . -12.38 1.19 -19.80
CAF W8G G . -9.41 1.13 -19.32
CAG W8G G . -11.56 2.29 -19.12
NAJ W8G G . -12.14 2.14 -14.22
SAK W8G G . -11.50 -0.09 -20.78
NAP W8G G . -10.40 1.69 -18.46
C ACT H . -14.49 -13.95 -27.01
O ACT H . -14.79 -12.86 -26.53
OXT ACT H . -13.36 -14.45 -26.79
CH3 ACT H . -15.53 -14.68 -27.82
PA NAP I . 21.00 -15.69 2.70
O1A NAP I . 21.37 -17.14 2.78
O2A NAP I . 20.97 -14.89 3.98
O5B NAP I . 21.95 -14.95 1.71
C5B NAP I . 22.10 -15.40 0.38
C4B NAP I . 23.54 -15.13 -0.03
O4B NAP I . 23.79 -13.74 -0.01
C3B NAP I . 24.60 -15.70 0.88
O3B NAP I . 24.74 -17.12 0.66
C2B NAP I . 25.82 -14.81 0.47
O2B NAP I . 26.78 -15.47 -0.40
C1B NAP I . 25.15 -13.57 -0.19
N9A NAP I . 25.73 -12.39 0.48
C8A NAP I . 25.60 -12.01 1.78
N7A NAP I . 26.40 -10.95 2.02
C5A NAP I . 27.04 -10.66 0.85
C6A NAP I . 28.03 -9.69 0.40
N6A NAP I . 28.50 -8.79 1.29
N1A NAP I . 28.44 -9.71 -0.91
C2A NAP I . 27.97 -10.61 -1.78
N3A NAP I . 27.07 -11.54 -1.42
C4A NAP I . 26.61 -11.61 -0.15
O3 NAP I . 19.61 -15.59 1.83
PN NAP I . 18.31 -16.59 1.89
O1N NAP I . 18.65 -17.71 0.95
O2N NAP I . 17.86 -16.82 3.31
O5D NAP I . 17.24 -15.64 1.19
C5D NAP I . 17.31 -15.33 -0.21
C4D NAP I . 16.68 -13.96 -0.50
O4D NAP I . 15.30 -13.97 -0.08
C3D NAP I . 17.39 -12.82 0.19
O3D NAP I . 17.36 -11.67 -0.68
C2D NAP I . 16.53 -12.63 1.41
O2D NAP I . 16.58 -11.34 2.00
C1D NAP I . 15.12 -12.97 0.90
N1N NAP I . 14.26 -13.42 1.99
C2N NAP I . 14.56 -14.59 2.59
C3N NAP I . 13.82 -15.04 3.65
C7N NAP I . 14.07 -16.33 4.37
O7N NAP I . 13.19 -16.65 5.17
N7N NAP I . 15.17 -17.09 4.17
C4N NAP I . 12.73 -14.27 4.06
C5N NAP I . 12.45 -13.07 3.44
C6N NAP I . 13.22 -12.64 2.40
P2B NAP I . 27.99 -16.43 0.14
O1X NAP I . 28.84 -15.55 1.03
O2X NAP I . 28.65 -16.82 -1.11
O3X NAP I . 27.34 -17.51 0.97
N1 W8G J . 19.04 -13.82 4.99
N1 W8G J . 18.70 -13.95 4.97
C2 W8G J . 18.74 -12.70 4.29
C2 W8G J . 18.43 -12.85 4.25
N3 W8G J . 17.53 -12.12 4.37
N3 W8G J . 17.26 -12.19 4.40
C4 W8G J . 16.57 -12.66 5.11
C4 W8G J . 16.32 -12.64 5.25
C5 W8G J . 16.84 -13.83 5.85
C5 W8G J . 16.59 -13.79 6.01
C6 W8G J . 18.11 -14.40 5.76
C6 W8G J . 17.80 -14.45 5.86
NAA W8G J . 19.69 -12.17 3.54
NAA W8G J . 19.35 -12.43 3.38
CAB W8G J . 14.79 -13.21 6.20
CAB W8G J . 14.61 -13.02 6.52
CAC W8G J . 15.72 -14.13 6.50
CAC W8G J . 15.50 -13.98 6.79
CAD W8G J . 20.49 -16.97 6.31
CAD W8G J . 20.36 -15.38 7.54
CAE W8G J . 18.12 -17.68 7.65
CAE W8G J . 17.93 -15.96 9.01
CAF W8G J . 19.87 -15.72 6.91
CAF W8G J . 19.56 -16.09 6.45
CAG W8G J . 17.47 -16.60 6.79
CAG W8G J . 17.36 -16.24 7.63
NAJ W8G J . 15.31 -12.31 5.36
NAJ W8G J . 15.11 -12.19 5.59
SAK W8G J . 19.55 -18.47 6.84
SAK W8G J . 19.74 -15.76 9.23
NAP W8G J . 18.47 -15.57 6.47
NAP W8G J . 18.19 -15.61 6.60
N1 W8G K . 11.58 -13.07 8.28
C2 W8G K . 11.40 -12.01 7.47
N3 W8G K . 11.96 -10.83 7.72
C4 W8G K . 12.73 -10.71 8.83
C5 W8G K . 12.93 -11.79 9.72
C6 W8G K . 12.35 -12.99 9.43
NAA W8G K . 10.68 -12.12 6.40
CAB W8G K . 14.02 -10.05 10.49
CAC W8G K . 13.72 -11.36 10.67
CAD W8G K . 14.80 -15.17 10.65
CAE W8G K . 12.83 -16.03 8.78
CAF W8G K . 13.65 -14.29 11.23
CAG W8G K . 11.93 -15.37 9.81
NAJ W8G K . 13.40 -9.68 9.32
SAK W8G K . 14.45 -16.59 9.48
NAP W8G K . 12.56 -14.13 10.24
PA NAP L . -19.49 1.51 17.43
O1A NAP L . -19.72 1.82 18.88
O2A NAP L . -19.45 0.07 17.01
O5B NAP L . -20.76 2.06 16.63
C5B NAP L . -20.90 3.46 16.41
C4B NAP L . -22.36 3.80 16.19
O4B NAP L . -22.68 3.28 14.91
C3B NAP L . -23.35 3.11 17.14
O3B NAP L . -23.51 3.77 18.38
C2B NAP L . -24.61 3.09 16.28
O2B NAP L . -25.61 4.06 16.61
C1B NAP L . -24.06 3.30 14.82
N9A NAP L . -24.68 2.20 14.04
C8A NAP L . -24.45 0.86 14.15
N7A NAP L . -25.26 0.17 13.30
C5A NAP L . -26.04 1.10 12.69
C6A NAP L . -27.14 1.08 11.73
N6A NAP L . -27.56 -0.10 11.29
N1A NAP L . -27.69 2.26 11.34
C2A NAP L . -27.24 3.44 11.83
N3A NAP L . -26.25 3.53 12.75
C4A NAP L . -25.66 2.43 13.20
O3 NAP L . -18.32 2.45 16.82
PN NAP L . -16.92 2.80 17.62
O1N NAP L . -17.22 4.09 18.35
O2N NAP L . -16.33 1.61 18.29
O5D NAP L . -16.02 3.13 16.35
C5D NAP L . -16.21 4.36 15.64
C4D NAP L . -15.66 4.18 14.23
O4D NAP L . -14.25 3.86 14.26
C3D NAP L . -16.33 3.05 13.46
O3D NAP L . -16.55 3.43 12.08
C2D NAP L . -15.41 1.89 13.54
O2D NAP L . -15.57 0.92 12.48
C1D NAP L . -14.04 2.59 13.62
N1N NAP L . -13.08 1.78 14.35
C2N NAP L . -13.21 1.57 15.70
C3N NAP L . -12.33 0.75 16.41
C7N NAP L . -12.41 0.52 17.91
O7N NAP L . -11.47 -0.09 18.47
N7N NAP L . -13.47 0.96 18.59
C4N NAP L . -11.28 0.18 15.72
C5N NAP L . -11.16 0.38 14.34
C6N NAP L . -12.06 1.21 13.67
P2B NAP L . -26.76 3.89 17.74
O1X NAP L . -27.45 5.23 17.74
O2X NAP L . -26.01 3.58 19.01
O3X NAP L . -27.60 2.71 17.26
N1 W8G M . -17.20 -0.98 16.27
C2 W8G M . -17.11 -0.75 14.95
N3 W8G M . -16.00 -1.07 14.26
C4 W8G M . -14.94 -1.63 14.86
C5 W8G M . -14.98 -1.90 16.24
C6 W8G M . -16.15 -1.54 16.96
NAA W8G M . -18.14 -0.21 14.33
CAB W8G M . -13.06 -2.56 15.44
CAC W8G M . -13.81 -2.45 16.54
CAD W8G M . -15.15 -3.45 19.41
CAE W8G M . -18.00 -3.24 19.19
CAF W8G M . -15.21 -1.95 19.27
CAG W8G M . -17.66 -1.75 18.98
NAJ W8G M . -13.75 -2.05 14.40
SAK W8G M . -16.69 -4.19 20.03
NAP W8G M . -16.33 -1.71 18.37
N1 W8G N . -9.83 -4.10 15.86
C2 W8G N . -9.81 -3.66 14.55
N3 W8G N . -10.42 -4.34 13.56
C4 W8G N . -11.06 -5.50 13.91
C5 W8G N . -11.09 -5.96 15.24
C6 W8G N . -10.47 -5.24 16.22
NAA W8G N . -9.17 -2.54 14.27
CAB W8G N . -12.22 -7.36 14.06
CAC W8G N . -11.80 -7.07 15.29
CAD W8G N . -10.88 -3.78 18.91
CAE W8G N . -12.59 -6.05 18.90
CAF W8G N . -9.88 -4.86 18.58
CAG W8G N . -11.43 -6.72 18.08
NAJ W8G N . -11.77 -6.40 13.21
SAK W8G N . -12.27 -4.49 19.89
NAP W8G N . -10.51 -5.67 17.56
C ACT O . -33.14 18.57 18.97
O ACT O . -32.92 18.10 17.82
OXT ACT O . -33.78 19.65 19.15
CH3 ACT O . -32.63 17.81 20.17
PA NAP P . 15.19 21.02 -1.14
O1A NAP P . 15.00 22.51 -1.12
O2A NAP P . 15.48 20.27 -2.40
O5B NAP P . 16.34 20.61 -0.11
C5B NAP P . 16.23 20.95 1.27
C4B NAP P . 17.61 21.10 1.86
O4B NAP P . 18.27 19.85 1.89
C3B NAP P . 18.56 22.03 1.08
O3B NAP P . 18.29 23.40 1.39
C2B NAP P . 19.95 21.53 1.51
O2B NAP P . 20.65 22.41 2.43
C1B NAP P . 19.62 20.14 2.12
N9A NAP P . 20.60 19.24 1.52
C8A NAP P . 20.76 18.86 0.24
N7A NAP P . 21.83 18.09 0.15
C5A NAP P . 22.41 18.05 1.36
C6A NAP P . 23.59 17.41 1.95
N6A NAP P . 24.42 16.69 1.19
N1A NAP P . 23.81 17.60 3.26
C2A NAP P . 22.98 18.31 4.04
N3A NAP P . 21.88 18.91 3.59
C4A NAP P . 21.59 18.82 2.25
O3 NAP P . 13.94 20.37 -0.36
PN NAP P . 12.41 20.89 -0.37
O1N NAP P . 12.26 22.08 0.56
O2N NAP P . 12.03 21.04 -1.83
O5D NAP P . 11.68 19.60 0.27
C5D NAP P . 11.70 19.35 1.66
C4D NAP P . 11.45 17.87 1.89
O4D NAP P . 10.19 17.50 1.29
C3D NAP P . 12.52 17.04 1.21
O3D NAP P . 12.85 15.97 2.08
C2D NAP P . 11.84 16.57 -0.05
O2D NAP P . 12.41 15.42 -0.68
C1D NAP P . 10.39 16.44 0.37
N1N NAP P . 9.55 16.59 -0.82
C2N NAP P . 9.45 17.81 -1.44
C3N NAP P . 8.64 17.96 -2.57
C7N NAP P . 8.51 19.28 -3.31
O7N NAP P . 7.65 19.39 -4.17
N7N NAP P . 9.37 20.29 -3.00
C4N NAP P . 7.94 16.84 -3.06
C5N NAP P . 8.01 15.61 -2.41
C6N NAP P . 8.84 15.52 -1.29
P2B NAP P . 21.53 23.74 2.05
O1X NAP P . 22.72 23.19 1.29
O2X NAP P . 21.83 24.32 3.43
O3X NAP P . 20.62 24.66 1.26
N1 W8G Q . 13.67 18.61 -3.49
C2 W8G Q . 13.82 17.45 -2.82
N3 W8G Q . 12.97 16.40 -2.99
C4 W8G Q . 11.94 16.51 -3.84
C5 W8G Q . 11.75 17.73 -4.57
C6 W8G Q . 12.65 18.78 -4.35
NAA W8G Q . 14.84 17.32 -1.98
CAB W8G Q . 10.19 16.30 -5.15
CAC W8G Q . 10.66 17.55 -5.36
CAD W8G Q . 14.38 20.82 -6.31
CAE W8G Q . 11.71 20.45 -7.29
CAF W8G Q . 13.67 20.99 -4.99
CAG W8G Q . 11.35 20.41 -5.81
NAJ W8G Q . 10.98 15.68 -4.21
SAK W8G Q . 13.29 21.22 -7.73
NAP W8G Q . 12.55 20.03 -5.03
N1 W8G R . 7.59 15.52 -7.42
C2 W8G R . 7.75 14.43 -6.62
N3 W8G R . 8.71 13.52 -6.91
C4 W8G R . 9.49 13.71 -7.99
C5 W8G R . 9.33 14.82 -8.80
C6 W8G R . 8.36 15.73 -8.51
NAA W8G R . 6.94 14.24 -5.55
CAB W8G R . 10.96 13.65 -9.59
CAC W8G R . 10.24 14.77 -9.77
CAD W8G R . 7.82 18.58 -7.81
CAE W8G R . 10.05 18.31 -9.68
CAF W8G R . 7.20 17.85 -8.98
CAG W8G R . 9.20 17.22 -10.34
NAJ W8G R . 10.51 13.01 -8.51
SAK W8G R . 9.20 19.54 -8.55
NAP W8G R . 8.21 16.85 -9.33
#